data_2Z3Z
#
_entry.id   2Z3Z
#
_cell.length_a   149.825
_cell.length_b   149.825
_cell.length_c   161.506
_cell.angle_alpha   90.00
_cell.angle_beta   90.00
_cell.angle_gamma   120.00
#
_symmetry.space_group_name_H-M   'P 63 2 2'
#
loop_
_entity.id
_entity.type
_entity.pdbx_description
1 polymer 'Dipeptidyl aminopeptidase IV'
2 non-polymer 'SULFATE ION'
3 non-polymer '[(2R)-1-(L-ALANYL-L-ISOLEUCYL)PYRROLIDIN-2-YL]BORONIC ACID'
4 water water
#
_entity_poly.entity_id   1
_entity_poly.type   'polypeptide(L)'
_entity_poly.pdbx_seq_one_letter_code
;MRGSHHHHHHGSLMPGGKEFYNFYPEYVVGLQWMGDNYVFIEGDDLVFNKANGKSAQTTRFSAADLNALMPEGCKFQTTD
AFPSFRTLDAGRGLVVLFTQGGLVGFDMLARKVTYLFDTNEETASLDFSPVGDRVAYVRNHNLYIARGGKLGEGMSRAIA
VTIDGTETLVYGQAVHQREFGIEKGTFWSPKGSCLAFYRMDQSMVKPTPIVDYHPLEAESKPLYYPMAGTPSHHVTVGIY
HLATGKTVYLQTGEPKEKFLTNLSWSPDENILYVAEVNRAQNECKVNAYDAETGRFVRTLFVETDKHYVEPLHPLTFLPG
SNNQFIWQSRRDGWNHLYLYDTTGRLIRQVTKGEWEVTNFAGFDPKGTRLYFESTEASPLERHFYCIDIKGGKTKDLTPE
SGMHRTQLSPDGSAIIDIFQSPTVPRKVTVTNIGKGSHTLLEAKNPDTGYAMPEIRTGTIMAADGQTPLYYKLTMPLHFD
PAKKYPVIVYVYGGPHAQLVTKTWRSSVGGWDIYMAQKGYAVFTVDSRGSANRGAAFEQVIHRRLGQTEMADQMCGVDFL
KSQSWVDADRIGVHGWSYGGFMTTNLMLTHGDVFKVGVAGGPVIDWNRYAIMYGERYFDAPQENPEGYDAANLLKRAGDL
KGRLMLIHGAIDPVVVWQHSLLFLDACVKARTYPDYYVYPSHEHNVMGPDRVHLYETITRYFTDHL
;
_entity_poly.pdbx_strand_id   A
#
loop_
_chem_comp.id
_chem_comp.type
_chem_comp.name
_chem_comp.formula
AIO non-polymer '[(2R)-1-(L-ALANYL-L-ISOLEUCYL)PYRROLIDIN-2-YL]BORONIC ACID' 'C13 H26 B N3 O4'
SO4 non-polymer 'SULFATE ION' 'O4 S -2'
#
# COMPACT_ATOMS: atom_id res chain seq x y z
N VAL A 28 -18.20 8.90 12.60
CA VAL A 28 -19.23 8.93 11.48
C VAL A 28 -19.04 7.69 10.60
N VAL A 29 -19.48 6.54 11.12
CA VAL A 29 -19.31 5.24 10.46
C VAL A 29 -19.75 5.20 8.98
N GLY A 30 -18.81 4.83 8.11
CA GLY A 30 -19.10 4.55 6.71
C GLY A 30 -19.42 5.74 5.82
N LEU A 31 -18.85 6.89 6.16
CA LEU A 31 -19.12 8.12 5.45
C LEU A 31 -18.70 8.05 3.97
N GLN A 32 -19.66 8.20 3.06
CA GLN A 32 -19.40 8.00 1.62
C GLN A 32 -20.53 8.58 0.75
N TRP A 33 -20.31 8.60 -0.56
CA TRP A 33 -21.33 9.02 -1.52
C TRP A 33 -22.15 7.86 -2.04
N MET A 34 -23.46 8.09 -2.16
CA MET A 34 -24.38 7.17 -2.83
C MET A 34 -25.29 8.02 -3.69
N GLY A 35 -25.06 7.99 -5.01
CA GLY A 35 -25.71 8.89 -5.93
C GLY A 35 -25.29 10.31 -5.63
N ASP A 36 -26.28 11.20 -5.46
CA ASP A 36 -26.02 12.58 -5.06
C ASP A 36 -26.23 12.81 -3.55
N ASN A 37 -26.34 11.71 -2.78
CA ASN A 37 -26.44 11.78 -1.32
C ASN A 37 -25.15 11.40 -0.63
N TYR A 38 -24.78 12.12 0.42
CA TYR A 38 -23.76 11.62 1.33
C TYR A 38 -24.42 10.85 2.45
N VAL A 39 -23.74 9.80 2.89
CA VAL A 39 -24.36 8.74 3.66
C VAL A 39 -23.44 8.32 4.80
N PHE A 40 -24.03 7.90 5.91
CA PHE A 40 -23.30 7.35 7.06
C PHE A 40 -24.21 6.45 7.88
N ILE A 41 -23.61 5.68 8.79
CA ILE A 41 -24.36 4.80 9.65
C ILE A 41 -24.56 5.41 11.03
N GLU A 42 -25.68 5.06 11.67
CA GLU A 42 -25.97 5.41 13.07
C GLU A 42 -26.33 4.15 13.85
N GLY A 43 -25.39 3.20 13.88
CA GLY A 43 -25.58 1.89 14.52
C GLY A 43 -26.80 1.09 14.05
N ASP A 44 -27.82 1.80 13.59
CA ASP A 44 -29.12 1.21 13.31
C ASP A 44 -29.66 1.72 11.97
N ASP A 45 -29.39 3.00 11.71
CA ASP A 45 -29.87 3.66 10.50
C ASP A 45 -28.74 3.88 9.50
N LEU A 46 -29.12 3.94 8.24
CA LEU A 46 -28.30 4.51 7.20
C LEU A 46 -28.96 5.84 6.86
N VAL A 47 -28.24 6.93 7.05
CA VAL A 47 -28.80 8.27 6.90
C VAL A 47 -28.34 8.93 5.59
N PHE A 48 -29.30 9.42 4.81
CA PHE A 48 -29.02 10.08 3.53
C PHE A 48 -29.25 11.61 3.56
N ASN A 49 -28.32 12.37 2.98
CA ASN A 49 -28.43 13.82 2.89
C ASN A 49 -27.90 14.33 1.57
N LYS A 50 -28.41 15.47 1.08
CA LYS A 50 -27.97 16.04 -0.20
C LYS A 50 -27.34 17.43 -0.08
N THR A 58 -33.12 15.19 4.25
CA THR A 58 -32.67 14.08 5.08
C THR A 58 -33.64 12.89 5.07
N THR A 59 -33.12 11.69 4.76
CA THR A 59 -33.90 10.45 4.81
C THR A 59 -33.12 9.40 5.60
N ARG A 60 -33.84 8.42 6.14
CA ARG A 60 -33.28 7.44 7.05
C ARG A 60 -33.76 6.02 6.68
N PHE A 61 -32.84 5.05 6.69
CA PHE A 61 -33.09 3.68 6.28
C PHE A 61 -32.55 2.73 7.36
N SER A 62 -33.45 2.10 8.11
CA SER A 62 -33.04 1.29 9.25
C SER A 62 -32.76 -0.16 8.89
N ALA A 63 -32.06 -0.84 9.79
CA ALA A 63 -31.76 -2.27 9.64
C ALA A 63 -33.00 -3.16 9.54
N ALA A 64 -34.11 -2.72 10.12
CA ALA A 64 -35.36 -3.47 10.04
C ALA A 64 -36.10 -3.25 8.72
N ASP A 65 -36.04 -2.01 8.21
CA ASP A 65 -36.53 -1.69 6.87
C ASP A 65 -35.86 -2.63 5.88
N LEU A 66 -34.53 -2.65 5.93
CA LEU A 66 -33.70 -3.51 5.09
C LEU A 66 -33.98 -4.99 5.31
N ASN A 67 -34.02 -5.40 6.57
CA ASN A 67 -34.19 -6.81 6.90
C ASN A 67 -35.49 -7.37 6.33
N ALA A 68 -36.51 -6.53 6.28
CA ALA A 68 -37.81 -6.87 5.68
C ALA A 68 -37.75 -7.19 4.18
N LEU A 69 -36.71 -6.68 3.52
CA LEU A 69 -36.57 -6.81 2.07
C LEU A 69 -35.71 -8.01 1.64
N MET A 70 -34.94 -8.55 2.58
CA MET A 70 -34.12 -9.75 2.31
C MET A 70 -35.00 -10.98 2.11
N PHE A 82 -27.00 -1.27 11.91
CA PHE A 82 -27.12 -1.38 10.46
C PHE A 82 -25.94 -2.22 9.93
N PRO A 83 -26.26 -3.28 9.17
CA PRO A 83 -25.26 -4.29 8.83
C PRO A 83 -24.10 -3.75 8.00
N SER A 84 -23.06 -4.57 7.85
CA SER A 84 -21.95 -4.19 7.01
C SER A 84 -22.21 -4.51 5.54
N PHE A 85 -21.67 -3.65 4.67
CA PHE A 85 -21.77 -3.85 3.23
C PHE A 85 -20.53 -3.35 2.48
N ARG A 86 -20.39 -3.80 1.24
CA ARG A 86 -19.35 -3.32 0.35
C ARG A 86 -20.04 -2.55 -0.78
N THR A 87 -19.64 -1.32 -1.01
CA THR A 87 -20.23 -0.49 -2.05
C THR A 87 -19.59 -0.85 -3.39
N LEU A 88 -20.43 -1.16 -4.38
CA LEU A 88 -19.94 -1.65 -5.67
C LEU A 88 -19.94 -0.54 -6.70
N ASP A 89 -20.90 0.38 -6.56
CA ASP A 89 -21.10 1.45 -7.53
C ASP A 89 -21.69 2.65 -6.80
N ALA A 90 -20.82 3.58 -6.43
CA ALA A 90 -21.22 4.73 -5.62
C ALA A 90 -22.26 5.59 -6.33
N GLY A 91 -22.10 5.76 -7.65
CA GLY A 91 -23.02 6.57 -8.45
C GLY A 91 -24.46 6.07 -8.38
N ARG A 92 -24.62 4.75 -8.39
CA ARG A 92 -25.92 4.10 -8.34
C ARG A 92 -26.31 3.60 -6.93
N GLY A 93 -25.42 3.78 -5.96
CA GLY A 93 -25.66 3.30 -4.60
C GLY A 93 -25.92 1.80 -4.56
N LEU A 94 -25.22 1.04 -5.43
CA LEU A 94 -25.35 -0.41 -5.44
C LEU A 94 -24.28 -0.98 -4.52
N VAL A 95 -24.69 -1.85 -3.62
CA VAL A 95 -23.80 -2.46 -2.64
C VAL A 95 -24.01 -3.98 -2.63
N VAL A 96 -23.15 -4.67 -1.89
CA VAL A 96 -23.35 -6.09 -1.64
C VAL A 96 -23.27 -6.34 -0.14
N LEU A 97 -24.17 -7.18 0.34
CA LEU A 97 -24.27 -7.55 1.74
C LEU A 97 -23.84 -9.00 1.92
N PHE A 98 -22.96 -9.22 2.90
CA PHE A 98 -22.44 -10.54 3.19
C PHE A 98 -23.34 -11.18 4.24
N THR A 99 -24.03 -12.25 3.86
CA THR A 99 -25.00 -12.89 4.75
C THR A 99 -24.68 -14.36 4.91
N GLN A 100 -25.15 -14.96 6.01
CA GLN A 100 -25.21 -16.42 6.12
C GLN A 100 -25.95 -16.90 4.88
N GLY A 101 -25.35 -17.82 4.12
CA GLY A 101 -25.95 -18.29 2.86
C GLY A 101 -25.85 -17.34 1.65
N GLY A 102 -24.65 -16.85 1.35
CA GLY A 102 -24.42 -16.09 0.13
C GLY A 102 -24.47 -14.58 0.20
N LEU A 103 -24.24 -13.96 -0.95
CA LEU A 103 -24.17 -12.53 -1.08
C LEU A 103 -25.49 -11.99 -1.62
N VAL A 104 -25.91 -10.84 -1.09
CA VAL A 104 -27.12 -10.18 -1.55
C VAL A 104 -26.76 -8.80 -2.04
N GLY A 105 -26.94 -8.56 -3.34
CA GLY A 105 -26.77 -7.25 -3.91
C GLY A 105 -27.97 -6.37 -3.59
N PHE A 106 -27.72 -5.10 -3.32
CA PHE A 106 -28.79 -4.21 -2.89
C PHE A 106 -28.63 -2.81 -3.44
N ASP A 107 -29.72 -2.27 -3.97
CA ASP A 107 -29.76 -0.92 -4.48
C ASP A 107 -30.27 0.01 -3.38
N MET A 108 -29.38 0.81 -2.80
CA MET A 108 -29.73 1.67 -1.65
C MET A 108 -30.54 2.90 -2.03
N LEU A 109 -30.45 3.29 -3.30
CA LEU A 109 -31.23 4.43 -3.80
C LEU A 109 -32.65 4.03 -4.15
N ALA A 110 -32.81 2.84 -4.74
CA ALA A 110 -34.13 2.31 -5.05
C ALA A 110 -34.74 1.55 -3.87
N ARG A 111 -33.89 1.14 -2.92
CA ARG A 111 -34.28 0.29 -1.80
C ARG A 111 -34.88 -1.04 -2.30
N LYS A 112 -34.06 -1.77 -3.06
CA LYS A 112 -34.48 -3.03 -3.68
C LYS A 112 -33.30 -3.98 -3.79
N VAL A 113 -33.55 -5.25 -3.57
CA VAL A 113 -32.54 -6.28 -3.81
C VAL A 113 -32.26 -6.32 -5.32
N THR A 114 -30.99 -6.49 -5.66
CA THR A 114 -30.61 -6.64 -7.07
C THR A 114 -30.51 -8.12 -7.41
N TYR A 115 -29.47 -8.79 -6.88
CA TYR A 115 -29.19 -10.18 -7.19
C TYR A 115 -28.68 -10.93 -5.98
N LEU A 116 -28.97 -12.22 -5.93
CA LEU A 116 -28.32 -13.14 -5.01
C LEU A 116 -27.17 -13.81 -5.74
N PHE A 117 -26.02 -13.89 -5.07
CA PHE A 117 -24.85 -14.54 -5.64
C PHE A 117 -24.42 -15.72 -4.76
N ASP A 118 -24.07 -16.82 -5.41
CA ASP A 118 -23.53 -17.99 -4.74
C ASP A 118 -22.09 -18.19 -5.19
N THR A 119 -21.12 -17.86 -4.34
CA THR A 119 -19.71 -18.01 -4.72
C THR A 119 -19.03 -19.13 -3.94
N ASN A 120 -19.83 -20.13 -3.54
CA ASN A 120 -19.34 -21.27 -2.77
C ASN A 120 -18.47 -20.82 -1.59
N GLU A 121 -18.92 -19.73 -0.96
CA GLU A 121 -18.26 -19.18 0.23
C GLU A 121 -16.93 -18.46 0.02
N GLU A 122 -16.50 -18.28 -1.23
CA GLU A 122 -15.30 -17.50 -1.53
C GLU A 122 -15.61 -16.00 -1.38
N THR A 123 -14.77 -15.28 -0.63
CA THR A 123 -14.99 -13.83 -0.45
C THR A 123 -13.77 -12.98 -0.74
N ALA A 124 -12.58 -13.52 -0.49
CA ALA A 124 -11.35 -12.74 -0.63
C ALA A 124 -11.15 -12.18 -2.06
N SER A 125 -11.50 -12.99 -3.06
CA SER A 125 -11.15 -12.70 -4.46
C SER A 125 -12.28 -12.13 -5.28
N LEU A 126 -13.40 -11.78 -4.62
CA LEU A 126 -14.61 -11.30 -5.32
C LEU A 126 -14.35 -10.03 -6.12
N ASP A 127 -14.74 -10.06 -7.39
CA ASP A 127 -14.61 -8.89 -8.24
C ASP A 127 -15.88 -8.84 -9.08
N PHE A 128 -16.74 -7.90 -8.76
CA PHE A 128 -18.03 -7.80 -9.42
C PHE A 128 -17.87 -7.11 -10.75
N SER A 129 -18.59 -7.60 -11.76
CA SER A 129 -18.67 -6.90 -13.04
C SER A 129 -19.21 -5.48 -12.87
N PRO A 130 -18.73 -4.52 -13.69
CA PRO A 130 -19.33 -3.18 -13.68
C PRO A 130 -20.84 -3.19 -14.02
N VAL A 131 -21.31 -4.23 -14.69
CA VAL A 131 -22.74 -4.39 -14.97
C VAL A 131 -23.53 -4.75 -13.70
N GLY A 132 -22.85 -5.37 -12.72
CA GLY A 132 -23.43 -5.59 -11.41
C GLY A 132 -24.15 -6.91 -11.22
N ASP A 133 -24.22 -7.70 -12.28
CA ASP A 133 -25.01 -8.92 -12.31
C ASP A 133 -24.16 -10.20 -12.39
N ARG A 134 -22.84 -10.05 -12.32
CA ARG A 134 -21.94 -11.18 -12.30
C ARG A 134 -20.76 -10.86 -11.40
N VAL A 135 -20.11 -11.91 -10.90
CA VAL A 135 -18.97 -11.75 -10.02
C VAL A 135 -17.91 -12.80 -10.35
N ALA A 136 -16.65 -12.38 -10.47
CA ALA A 136 -15.53 -13.30 -10.65
C ALA A 136 -14.91 -13.64 -9.30
N TYR A 137 -14.36 -14.85 -9.17
CA TYR A 137 -13.69 -15.22 -7.91
C TYR A 137 -12.84 -16.43 -8.16
N VAL A 138 -11.94 -16.74 -7.23
CA VAL A 138 -11.01 -17.84 -7.42
C VAL A 138 -11.31 -18.87 -6.33
N ARG A 139 -11.42 -20.14 -6.73
CA ARG A 139 -11.74 -21.20 -5.78
C ARG A 139 -11.02 -22.49 -6.13
N ASN A 140 -10.31 -23.04 -5.15
CA ASN A 140 -9.50 -24.23 -5.38
C ASN A 140 -8.67 -24.10 -6.68
N HIS A 141 -7.94 -22.99 -6.77
CA HIS A 141 -6.95 -22.72 -7.81
C HIS A 141 -7.48 -22.18 -9.14
N ASN A 142 -8.79 -22.21 -9.33
CA ASN A 142 -9.35 -21.79 -10.61
C ASN A 142 -10.26 -20.58 -10.56
N LEU A 143 -10.36 -19.90 -11.71
CA LEU A 143 -11.15 -18.69 -11.87
C LEU A 143 -12.56 -19.07 -12.33
N TYR A 144 -13.57 -18.48 -11.66
CA TYR A 144 -14.99 -18.69 -11.97
C TYR A 144 -15.69 -17.37 -12.16
N ILE A 145 -16.82 -17.42 -12.87
CA ILE A 145 -17.74 -16.30 -12.91
C ILE A 145 -19.12 -16.86 -12.49
N ALA A 146 -19.68 -16.28 -11.44
CA ALA A 146 -21.04 -16.56 -11.00
C ALA A 146 -21.98 -15.46 -11.45
N ARG A 147 -23.14 -15.87 -11.96
CA ARG A 147 -24.15 -14.92 -12.35
C ARG A 147 -25.14 -14.68 -11.21
N GLY A 148 -25.47 -13.42 -10.97
CA GLY A 148 -26.49 -13.07 -9.99
C GLY A 148 -27.87 -13.62 -10.37
N GLY A 149 -28.63 -14.02 -9.35
CA GLY A 149 -29.99 -14.52 -9.55
C GLY A 149 -30.99 -13.54 -8.95
N LYS A 150 -31.99 -13.14 -9.74
CA LYS A 150 -33.03 -12.22 -9.25
C LYS A 150 -33.97 -12.95 -8.30
N LEU A 151 -34.46 -12.24 -7.28
CA LEU A 151 -35.38 -12.83 -6.28
C LEU A 151 -36.42 -13.75 -6.91
N GLY A 152 -36.41 -15.00 -6.44
CA GLY A 152 -37.37 -16.01 -6.86
C GLY A 152 -37.36 -16.34 -8.34
N GLU A 153 -36.19 -16.26 -8.97
CA GLU A 153 -36.09 -16.67 -10.37
C GLU A 153 -35.06 -17.81 -10.53
N GLY A 154 -34.58 -18.31 -9.39
CA GLY A 154 -33.67 -19.45 -9.38
C GLY A 154 -32.25 -19.08 -9.79
N MET A 155 -31.33 -20.02 -9.60
CA MET A 155 -29.90 -19.76 -9.77
C MET A 155 -29.29 -20.62 -10.88
N SER A 156 -28.16 -20.15 -11.42
CA SER A 156 -27.43 -20.91 -12.44
C SER A 156 -26.05 -21.26 -11.89
N ARG A 157 -25.45 -22.35 -12.38
CA ARG A 157 -24.13 -22.79 -11.93
C ARG A 157 -23.05 -21.85 -12.46
N ALA A 158 -22.06 -21.54 -11.63
CA ALA A 158 -20.96 -20.68 -12.03
C ALA A 158 -20.22 -21.26 -13.24
N ILE A 159 -19.59 -20.38 -14.01
CA ILE A 159 -18.79 -20.81 -15.15
C ILE A 159 -17.33 -20.97 -14.73
N ALA A 160 -16.70 -22.07 -15.11
CA ALA A 160 -15.29 -22.26 -14.86
C ALA A 160 -14.53 -21.61 -15.99
N VAL A 161 -13.83 -20.51 -15.70
CA VAL A 161 -12.96 -19.90 -16.72
C VAL A 161 -11.68 -20.74 -16.97
N THR A 162 -11.12 -21.27 -15.88
CA THR A 162 -9.93 -22.10 -15.95
C THR A 162 -10.17 -23.44 -15.27
N ILE A 163 -9.41 -24.46 -15.67
CA ILE A 163 -9.55 -25.77 -15.08
C ILE A 163 -8.24 -26.39 -14.62
N ASP A 164 -7.10 -25.80 -14.95
CA ASP A 164 -5.82 -26.45 -14.63
C ASP A 164 -4.97 -25.68 -13.58
N GLY A 165 -5.64 -24.84 -12.78
CA GLY A 165 -4.97 -24.14 -11.71
C GLY A 165 -4.38 -25.13 -10.72
N THR A 166 -3.23 -24.78 -10.15
CA THR A 166 -2.69 -25.53 -9.02
C THR A 166 -1.61 -24.75 -8.28
N GLU A 167 -0.91 -25.44 -7.38
CA GLU A 167 0.16 -24.78 -6.60
C GLU A 167 1.19 -23.98 -7.40
N THR A 168 1.63 -24.48 -8.54
CA THR A 168 2.62 -23.77 -9.37
C THR A 168 2.03 -22.97 -10.55
N LEU A 169 0.70 -22.92 -10.62
CA LEU A 169 0.03 -22.23 -11.76
C LEU A 169 -1.16 -21.48 -11.21
N VAL A 170 -0.99 -20.17 -11.06
CA VAL A 170 -1.92 -19.40 -10.26
C VAL A 170 -2.78 -18.52 -11.21
N TYR A 171 -4.11 -18.57 -11.06
CA TYR A 171 -4.99 -17.76 -11.95
C TYR A 171 -5.79 -16.74 -11.16
N GLY A 172 -5.96 -15.53 -11.72
CA GLY A 172 -6.93 -14.56 -11.20
C GLY A 172 -6.51 -13.91 -9.87
N GLN A 173 -5.24 -14.04 -9.51
CA GLN A 173 -4.71 -13.46 -8.27
C GLN A 173 -3.61 -12.46 -8.55
N ALA A 174 -3.24 -11.67 -7.53
CA ALA A 174 -2.10 -10.75 -7.63
C ALA A 174 -0.81 -11.51 -7.98
N VAL A 175 0.02 -10.87 -8.78
CA VAL A 175 1.29 -11.46 -9.19
C VAL A 175 2.40 -10.46 -8.91
N HIS A 176 3.65 -10.83 -9.24
CA HIS A 176 4.81 -9.94 -9.09
C HIS A 176 4.96 -9.42 -7.66
N GLN A 177 4.57 -10.25 -6.69
CA GLN A 177 4.68 -9.92 -5.26
C GLN A 177 3.96 -8.62 -4.90
N ARG A 178 2.86 -8.31 -5.61
CA ARG A 178 2.05 -7.12 -5.34
C ARG A 178 2.84 -5.82 -5.52
N GLU A 179 3.87 -5.86 -6.35
CA GLU A 179 4.59 -4.64 -6.70
C GLU A 179 3.83 -3.93 -7.84
N PHE A 180 4.28 -2.70 -8.19
CA PHE A 180 3.73 -1.99 -9.35
C PHE A 180 2.23 -1.71 -9.24
N GLY A 181 1.72 -1.56 -8.02
CA GLY A 181 0.30 -1.29 -7.78
C GLY A 181 -0.64 -2.48 -7.94
N ILE A 182 -0.08 -3.67 -8.13
CA ILE A 182 -0.88 -4.86 -8.40
C ILE A 182 -1.48 -5.36 -7.10
N GLU A 183 -2.81 -5.35 -7.02
CA GLU A 183 -3.50 -5.78 -5.79
C GLU A 183 -4.43 -6.97 -6.03
N LYS A 184 -4.64 -7.33 -7.30
CA LYS A 184 -5.60 -8.41 -7.61
C LYS A 184 -5.21 -8.98 -8.96
N GLY A 185 -5.92 -10.03 -9.40
CA GLY A 185 -5.58 -10.65 -10.65
C GLY A 185 -6.75 -10.78 -11.63
N THR A 186 -7.82 -10.02 -11.42
CA THR A 186 -8.99 -10.01 -12.33
C THR A 186 -9.30 -8.59 -12.77
N PHE A 187 -9.67 -8.39 -14.05
CA PHE A 187 -9.87 -7.03 -14.57
C PHE A 187 -11.03 -7.07 -15.58
N TRP A 188 -12.24 -6.70 -15.14
CA TRP A 188 -13.40 -6.70 -16.04
C TRP A 188 -13.25 -5.55 -17.07
N SER A 189 -13.65 -5.80 -18.31
CA SER A 189 -13.80 -4.75 -19.30
C SER A 189 -14.92 -3.82 -18.86
N PRO A 190 -14.88 -2.52 -19.24
CA PRO A 190 -15.85 -1.62 -18.63
C PRO A 190 -17.35 -1.85 -18.93
N LYS A 191 -17.67 -2.63 -19.96
CA LYS A 191 -19.08 -2.93 -20.25
C LYS A 191 -19.39 -4.36 -19.84
N GLY A 192 -18.45 -5.01 -19.14
CA GLY A 192 -18.69 -6.38 -18.69
C GLY A 192 -18.63 -7.46 -19.75
N SER A 193 -18.14 -7.14 -20.94
CA SER A 193 -18.09 -8.11 -22.02
C SER A 193 -16.99 -9.14 -21.83
N CYS A 194 -15.92 -8.76 -21.13
CA CYS A 194 -14.75 -9.62 -21.02
C CYS A 194 -14.18 -9.54 -19.60
N LEU A 195 -13.47 -10.59 -19.23
CA LEU A 195 -12.76 -10.65 -17.96
C LEU A 195 -11.28 -10.94 -18.28
N ALA A 196 -10.41 -9.96 -18.08
CA ALA A 196 -8.99 -10.24 -18.20
C ALA A 196 -8.48 -10.78 -16.86
N PHE A 197 -7.41 -11.59 -16.90
CA PHE A 197 -6.91 -12.22 -15.67
C PHE A 197 -5.45 -12.61 -15.83
N TYR A 198 -4.71 -12.66 -14.72
CA TYR A 198 -3.33 -13.13 -14.75
C TYR A 198 -3.26 -14.65 -14.68
N ARG A 199 -2.31 -15.20 -15.41
CA ARG A 199 -1.87 -16.58 -15.29
C ARG A 199 -0.38 -16.54 -14.91
N MET A 200 -0.07 -17.04 -13.72
CA MET A 200 1.30 -17.03 -13.22
C MET A 200 1.83 -18.43 -13.10
N ASP A 201 2.77 -18.80 -13.97
CA ASP A 201 3.48 -20.07 -13.88
C ASP A 201 4.70 -19.86 -13.00
N GLN A 202 4.69 -20.42 -11.80
CA GLN A 202 5.80 -20.22 -10.87
C GLN A 202 6.55 -21.56 -10.65
N SER A 203 6.42 -22.45 -11.63
CA SER A 203 7.01 -23.80 -11.49
C SER A 203 8.53 -23.76 -11.51
N MET A 204 9.12 -22.66 -12.00
CA MET A 204 10.56 -22.47 -12.05
C MET A 204 11.16 -21.76 -10.81
N VAL A 205 10.30 -21.36 -9.88
CA VAL A 205 10.71 -20.63 -8.68
C VAL A 205 11.00 -21.67 -7.58
N LYS A 206 12.14 -21.58 -6.93
CA LYS A 206 12.46 -22.49 -5.82
C LYS A 206 11.76 -21.99 -4.57
N PRO A 207 10.85 -22.80 -4.00
CA PRO A 207 9.99 -22.40 -2.89
C PRO A 207 10.64 -22.43 -1.51
N THR A 208 9.99 -21.73 -0.58
CA THR A 208 10.36 -21.66 0.84
C THR A 208 9.24 -22.36 1.60
N PRO A 209 9.57 -23.21 2.60
CA PRO A 209 8.53 -23.88 3.40
C PRO A 209 7.85 -22.91 4.35
N ILE A 210 6.54 -22.94 4.36
CA ILE A 210 5.76 -22.22 5.33
C ILE A 210 5.07 -23.30 6.18
N VAL A 211 5.36 -23.32 7.47
CA VAL A 211 4.97 -24.46 8.30
C VAL A 211 3.85 -24.09 9.24
N ASP A 212 2.79 -24.88 9.21
CA ASP A 212 1.66 -24.76 10.10
C ASP A 212 1.96 -25.69 11.27
N TYR A 213 2.22 -25.11 12.45
CA TYR A 213 2.54 -25.91 13.64
C TYR A 213 1.35 -26.47 14.43
N HIS A 214 0.12 -26.13 14.02
CA HIS A 214 -1.06 -26.48 14.82
C HIS A 214 -1.57 -27.93 14.71
N PRO A 215 -1.45 -28.57 13.53
CA PRO A 215 -1.82 -29.99 13.45
C PRO A 215 -0.93 -30.85 14.37
N LEU A 216 -1.39 -32.06 14.71
CA LEU A 216 -0.55 -32.94 15.55
C LEU A 216 0.89 -32.98 15.05
N GLU A 217 1.07 -33.38 13.78
CA GLU A 217 2.36 -33.27 13.12
C GLU A 217 2.29 -32.03 12.27
N ALA A 218 3.29 -31.17 12.40
CA ALA A 218 3.36 -29.90 11.65
C ALA A 218 3.31 -30.15 10.16
N GLU A 219 2.70 -29.22 9.42
CA GLU A 219 2.49 -29.38 7.98
C GLU A 219 3.12 -28.22 7.22
N SER A 220 3.94 -28.51 6.23
CA SER A 220 4.59 -27.43 5.46
C SER A 220 3.93 -27.30 4.11
N LYS A 221 3.93 -26.09 3.58
CA LYS A 221 3.38 -25.82 2.24
C LYS A 221 4.44 -24.95 1.56
N PRO A 222 4.75 -25.22 0.27
CA PRO A 222 5.73 -24.38 -0.40
C PRO A 222 5.17 -23.01 -0.71
N LEU A 223 5.99 -22.00 -0.47
CA LEU A 223 5.67 -20.64 -0.86
C LEU A 223 6.65 -20.30 -1.99
N TYR A 224 6.11 -20.02 -3.18
CA TYR A 224 6.95 -19.76 -4.35
C TYR A 224 7.45 -18.29 -4.38
N TYR A 225 8.34 -18.00 -3.44
CA TYR A 225 8.81 -16.65 -3.17
C TYR A 225 10.10 -16.46 -3.93
N PRO A 226 10.06 -15.63 -4.99
CA PRO A 226 11.23 -15.52 -5.85
C PRO A 226 12.25 -14.51 -5.31
N MET A 227 13.41 -15.02 -4.90
CA MET A 227 14.39 -14.19 -4.22
C MET A 227 15.27 -13.43 -5.20
N ALA A 228 15.81 -12.29 -4.76
CA ALA A 228 16.71 -11.47 -5.57
C ALA A 228 17.75 -12.30 -6.34
N GLY A 229 17.88 -11.99 -7.63
CA GLY A 229 18.86 -12.63 -8.53
C GLY A 229 18.49 -14.00 -9.05
N THR A 230 17.35 -14.55 -8.61
CA THR A 230 16.95 -15.92 -9.04
C THR A 230 15.98 -15.83 -10.26
N PRO A 231 15.62 -17.00 -10.88
CA PRO A 231 14.59 -16.97 -11.92
C PRO A 231 13.25 -16.46 -11.44
N SER A 232 12.66 -15.52 -12.17
CA SER A 232 11.36 -15.01 -11.75
C SER A 232 10.25 -15.94 -12.26
N HIS A 233 9.02 -15.72 -11.78
CA HIS A 233 7.86 -16.41 -12.32
C HIS A 233 7.51 -15.83 -13.70
N HIS A 234 6.60 -16.52 -14.44
CA HIS A 234 6.19 -16.11 -15.79
C HIS A 234 4.72 -15.79 -15.77
N VAL A 235 4.40 -14.51 -15.98
CA VAL A 235 3.02 -14.06 -15.96
C VAL A 235 2.60 -13.81 -17.41
N THR A 236 1.42 -14.32 -17.76
CA THR A 236 0.73 -13.91 -18.98
C THR A 236 -0.66 -13.43 -18.61
N VAL A 237 -1.31 -12.78 -19.59
CA VAL A 237 -2.63 -12.20 -19.35
C VAL A 237 -3.63 -12.88 -20.28
N GLY A 238 -4.65 -13.52 -19.72
CA GLY A 238 -5.73 -14.12 -20.51
C GLY A 238 -6.88 -13.14 -20.53
N ILE A 239 -7.73 -13.26 -21.56
CA ILE A 239 -9.00 -12.51 -21.63
C ILE A 239 -10.08 -13.52 -21.99
N TYR A 240 -11.04 -13.66 -21.10
CA TYR A 240 -12.17 -14.56 -21.28
C TYR A 240 -13.27 -13.68 -21.87
N HIS A 241 -13.78 -14.06 -23.05
CA HIS A 241 -14.93 -13.34 -23.69
C HIS A 241 -16.25 -14.00 -23.30
N LEU A 242 -17.10 -13.28 -22.55
CA LEU A 242 -18.32 -13.89 -22.00
C LEU A 242 -19.27 -14.38 -23.08
N ALA A 243 -19.38 -13.65 -24.19
CA ALA A 243 -20.35 -14.01 -25.26
C ALA A 243 -20.00 -15.33 -25.94
N THR A 244 -18.71 -15.62 -26.09
CA THR A 244 -18.30 -16.81 -26.84
C THR A 244 -17.73 -17.90 -25.98
N GLY A 245 -17.37 -17.55 -24.74
CA GLY A 245 -16.69 -18.48 -23.84
C GLY A 245 -15.29 -18.80 -24.28
N LYS A 246 -14.71 -17.94 -25.12
CA LYS A 246 -13.37 -18.15 -25.66
C LYS A 246 -12.36 -17.36 -24.81
N THR A 247 -11.16 -17.94 -24.64
CA THR A 247 -10.04 -17.23 -24.00
C THR A 247 -8.92 -16.97 -24.99
N VAL A 248 -8.38 -15.75 -25.00
CA VAL A 248 -7.18 -15.42 -25.77
C VAL A 248 -6.12 -14.88 -24.83
N TYR A 249 -4.85 -15.21 -25.08
CA TYR A 249 -3.78 -14.64 -24.26
C TYR A 249 -3.07 -13.52 -25.01
N LEU A 250 -2.75 -12.44 -24.29
CA LEU A 250 -1.93 -11.37 -24.87
C LEU A 250 -0.60 -11.90 -25.35
N GLN A 251 -0.17 -11.43 -26.52
CA GLN A 251 1.06 -11.89 -27.12
C GLN A 251 2.19 -11.00 -26.63
N THR A 252 2.44 -11.06 -25.31
CA THR A 252 3.43 -10.21 -24.65
C THR A 252 4.88 -10.62 -24.97
N GLY A 253 5.07 -11.86 -25.41
CA GLY A 253 6.40 -12.30 -25.91
C GLY A 253 7.51 -12.38 -24.87
N GLU A 254 8.76 -12.18 -25.32
CA GLU A 254 9.99 -12.43 -24.55
C GLU A 254 10.58 -11.10 -24.11
N PRO A 255 11.27 -11.08 -22.95
CA PRO A 255 11.55 -12.19 -22.03
C PRO A 255 10.31 -12.54 -21.23
N LYS A 256 10.16 -13.82 -20.93
CA LYS A 256 8.98 -14.29 -20.25
C LYS A 256 8.86 -13.76 -18.82
N GLU A 257 10.00 -13.34 -18.26
CA GLU A 257 10.04 -12.71 -16.94
C GLU A 257 9.52 -11.28 -16.87
N LYS A 258 9.19 -10.67 -18.03
CA LYS A 258 8.79 -9.26 -18.02
C LYS A 258 7.59 -9.05 -17.08
N PHE A 259 7.56 -7.87 -16.43
CA PHE A 259 6.50 -7.57 -15.49
C PHE A 259 5.36 -6.93 -16.19
N LEU A 260 4.18 -7.50 -16.03
CA LEU A 260 2.99 -7.05 -16.75
C LEU A 260 2.11 -6.34 -15.72
N THR A 261 2.08 -4.99 -15.82
CA THR A 261 1.47 -4.20 -14.78
C THR A 261 0.41 -3.23 -15.26
N ASN A 262 -0.40 -2.77 -14.30
CA ASN A 262 -1.38 -1.69 -14.53
C ASN A 262 -2.28 -1.91 -15.73
N LEU A 263 -2.83 -3.11 -15.81
CA LEU A 263 -3.78 -3.45 -16.90
C LEU A 263 -4.91 -2.46 -16.93
N SER A 264 -5.25 -1.94 -18.13
CA SER A 264 -6.20 -0.85 -18.22
C SER A 264 -6.98 -1.03 -19.51
N TRP A 265 -8.28 -1.23 -19.42
CA TRP A 265 -9.10 -1.51 -20.60
C TRP A 265 -9.42 -0.21 -21.34
N SER A 266 -9.47 -0.24 -22.69
CA SER A 266 -10.06 0.88 -23.40
C SER A 266 -11.57 0.96 -23.07
N PRO A 267 -12.10 2.18 -23.04
CA PRO A 267 -13.54 2.33 -22.83
C PRO A 267 -14.38 1.51 -23.81
N ASP A 268 -13.93 1.35 -25.06
CA ASP A 268 -14.75 0.61 -26.01
C ASP A 268 -14.50 -0.89 -25.99
N GLU A 269 -13.60 -1.35 -25.10
CA GLU A 269 -13.33 -2.79 -24.84
C GLU A 269 -12.53 -3.47 -25.96
N ASN A 270 -12.07 -2.70 -26.93
CA ASN A 270 -11.32 -3.27 -28.04
C ASN A 270 -9.82 -3.50 -27.77
N ILE A 271 -9.27 -2.75 -26.81
CA ILE A 271 -7.84 -2.74 -26.52
C ILE A 271 -7.65 -2.93 -25.01
N LEU A 272 -6.71 -3.79 -24.67
CA LEU A 272 -6.18 -3.86 -23.28
C LEU A 272 -4.78 -3.29 -23.26
N TYR A 273 -4.59 -2.21 -22.48
CA TYR A 273 -3.26 -1.58 -22.30
C TYR A 273 -2.54 -2.22 -21.12
N VAL A 274 -1.22 -2.35 -21.25
CA VAL A 274 -0.35 -2.95 -20.21
C VAL A 274 0.91 -2.10 -20.11
N ALA A 275 1.32 -1.79 -18.90
CA ALA A 275 2.63 -1.16 -18.64
C ALA A 275 3.63 -2.26 -18.32
N GLU A 276 4.57 -2.49 -19.24
CA GLU A 276 5.49 -3.59 -19.15
C GLU A 276 6.80 -3.07 -18.59
N VAL A 277 7.33 -3.75 -17.58
CA VAL A 277 8.58 -3.28 -16.96
C VAL A 277 9.64 -4.38 -17.11
N ASN A 278 10.86 -3.97 -17.49
CA ASN A 278 11.94 -4.92 -17.70
C ASN A 278 12.53 -5.43 -16.38
N ARG A 279 13.38 -6.46 -16.45
CA ARG A 279 13.93 -7.04 -15.23
C ARG A 279 14.79 -6.04 -14.44
N ALA A 280 15.54 -5.21 -15.16
CA ALA A 280 16.34 -4.15 -14.53
C ALA A 280 15.49 -3.11 -13.84
N GLN A 281 14.24 -2.99 -14.25
CA GLN A 281 13.31 -1.99 -13.72
C GLN A 281 13.71 -0.55 -14.04
N ASN A 282 14.35 -0.35 -15.19
CA ASN A 282 14.72 0.99 -15.65
C ASN A 282 14.05 1.37 -16.99
N GLU A 283 13.10 0.53 -17.42
CA GLU A 283 12.32 0.81 -18.61
C GLU A 283 10.87 0.39 -18.44
N CYS A 284 9.94 1.30 -18.74
CA CYS A 284 8.51 0.95 -18.70
C CYS A 284 7.92 1.26 -20.10
N LYS A 285 7.34 0.27 -20.77
CA LYS A 285 6.67 0.48 -22.07
C LYS A 285 5.19 0.34 -21.88
N VAL A 286 4.43 1.36 -22.27
CA VAL A 286 2.97 1.27 -22.24
C VAL A 286 2.53 0.79 -23.63
N ASN A 287 1.96 -0.41 -23.64
CA ASN A 287 1.67 -1.13 -24.89
C ASN A 287 0.17 -1.37 -25.03
N ALA A 288 -0.31 -1.38 -26.27
CA ALA A 288 -1.71 -1.70 -26.57
C ALA A 288 -1.77 -3.08 -27.21
N TYR A 289 -2.72 -3.91 -26.75
CA TYR A 289 -2.96 -5.25 -27.28
C TYR A 289 -4.42 -5.33 -27.74
N ASP A 290 -4.67 -6.07 -28.81
CA ASP A 290 -6.02 -6.30 -29.31
C ASP A 290 -6.73 -7.27 -28.37
N ALA A 291 -7.87 -6.88 -27.78
CA ALA A 291 -8.60 -7.76 -26.86
C ALA A 291 -9.20 -8.99 -27.54
N GLU A 292 -9.49 -8.88 -28.83
CA GLU A 292 -10.13 -9.99 -29.56
C GLU A 292 -9.14 -11.09 -29.87
N THR A 293 -7.93 -10.72 -30.29
CA THR A 293 -6.97 -11.73 -30.77
C THR A 293 -5.79 -11.91 -29.85
N GLY A 294 -5.57 -10.95 -28.96
CA GLY A 294 -4.35 -10.92 -28.09
C GLY A 294 -3.14 -10.32 -28.79
N ARG A 295 -3.26 -9.97 -30.07
CA ARG A 295 -2.11 -9.46 -30.80
C ARG A 295 -1.61 -8.11 -30.30
N PHE A 296 -0.29 -7.95 -30.35
CA PHE A 296 0.34 -6.65 -30.07
C PHE A 296 -0.12 -5.64 -31.11
N VAL A 297 -0.50 -4.44 -30.65
CA VAL A 297 -0.96 -3.37 -31.57
C VAL A 297 0.13 -2.31 -31.73
N ARG A 298 0.57 -1.70 -30.62
CA ARG A 298 1.61 -0.68 -30.70
C ARG A 298 2.14 -0.32 -29.31
N THR A 299 3.31 0.28 -29.28
CA THR A 299 3.87 0.80 -28.04
C THR A 299 3.48 2.26 -28.06
N LEU A 300 2.76 2.71 -27.05
CA LEU A 300 2.38 4.12 -26.99
C LEU A 300 3.57 5.00 -26.63
N PHE A 301 4.25 4.67 -25.53
CA PHE A 301 5.39 5.46 -25.08
C PHE A 301 6.24 4.60 -24.12
N VAL A 302 7.46 5.05 -23.88
CA VAL A 302 8.40 4.35 -23.04
C VAL A 302 8.91 5.40 -22.06
N GLU A 303 9.07 4.98 -20.81
CA GLU A 303 9.73 5.80 -19.79
C GLU A 303 10.98 5.07 -19.37
N THR A 304 12.05 5.82 -19.09
CA THR A 304 13.31 5.22 -18.64
C THR A 304 13.80 6.09 -17.47
N ASP A 305 14.72 5.55 -16.69
CA ASP A 305 15.26 6.28 -15.54
C ASP A 305 16.67 5.79 -15.28
N LYS A 306 17.52 6.68 -14.78
CA LYS A 306 18.86 6.35 -14.33
C LYS A 306 18.86 5.24 -13.28
N HIS A 307 17.87 5.27 -12.41
CA HIS A 307 17.84 4.38 -11.23
C HIS A 307 16.72 3.36 -11.40
N TYR A 308 15.48 3.83 -11.46
CA TYR A 308 14.35 2.94 -11.72
C TYR A 308 13.10 3.67 -12.16
N VAL A 309 12.28 3.02 -13.01
CA VAL A 309 10.92 3.49 -13.25
C VAL A 309 9.96 2.64 -12.43
N GLU A 310 8.82 3.17 -12.01
CA GLU A 310 7.94 2.38 -11.13
C GLU A 310 6.50 2.76 -11.41
N PRO A 311 5.90 2.16 -12.45
CA PRO A 311 4.48 2.47 -12.69
C PRO A 311 3.60 1.88 -11.58
N LEU A 312 2.67 2.70 -11.07
CA LEU A 312 1.87 2.33 -9.92
C LEU A 312 0.39 2.54 -10.15
N HIS A 313 0.00 3.11 -11.28
CA HIS A 313 -1.41 3.43 -11.50
C HIS A 313 -1.84 3.14 -12.93
N PRO A 314 -3.12 2.79 -13.12
CA PRO A 314 -3.60 2.42 -14.46
C PRO A 314 -3.81 3.71 -15.30
N LEU A 315 -4.03 3.55 -16.60
CA LEU A 315 -4.47 4.66 -17.46
C LEU A 315 -5.90 5.00 -17.09
N THR A 316 -6.22 6.28 -16.98
CA THR A 316 -7.59 6.68 -16.65
C THR A 316 -8.16 7.53 -17.77
N PHE A 317 -9.12 6.98 -18.50
CA PHE A 317 -9.70 7.70 -19.63
C PHE A 317 -10.56 8.87 -19.21
N LEU A 318 -10.45 9.94 -20.00
CA LEU A 318 -11.33 11.11 -19.83
C LEU A 318 -12.80 10.72 -20.00
N PRO A 319 -13.70 11.42 -19.30
CA PRO A 319 -15.15 11.13 -19.42
C PRO A 319 -15.60 11.18 -20.88
N GLY A 320 -16.32 10.15 -21.34
CA GLY A 320 -16.87 10.10 -22.70
C GLY A 320 -15.84 9.93 -23.83
N SER A 321 -14.58 9.71 -23.47
CA SER A 321 -13.49 9.58 -24.43
C SER A 321 -12.87 8.17 -24.48
N ASN A 322 -12.67 7.69 -25.69
CA ASN A 322 -11.94 6.45 -25.94
C ASN A 322 -10.52 6.73 -26.40
N ASN A 323 -10.15 8.02 -26.48
CA ASN A 323 -8.93 8.49 -27.15
C ASN A 323 -7.94 9.27 -26.28
N GLN A 324 -8.37 9.70 -25.10
CA GLN A 324 -7.50 10.48 -24.22
C GLN A 324 -7.55 9.93 -22.80
N PHE A 325 -6.38 9.90 -22.18
CA PHE A 325 -6.31 9.39 -20.82
C PHE A 325 -5.25 10.13 -20.00
N ILE A 326 -5.38 10.00 -18.69
CA ILE A 326 -4.41 10.53 -17.75
C ILE A 326 -3.49 9.38 -17.28
N TRP A 327 -2.19 9.66 -17.30
CA TRP A 327 -1.16 8.73 -16.84
C TRP A 327 -0.36 9.42 -15.74
N GLN A 328 -0.15 8.71 -14.63
CA GLN A 328 0.68 9.21 -13.55
C GLN A 328 2.12 8.83 -13.79
N SER A 329 3.04 9.78 -13.57
CA SER A 329 4.47 9.48 -13.79
C SER A 329 5.34 10.34 -12.90
N ARG A 330 6.40 9.73 -12.35
CA ARG A 330 7.36 10.47 -11.57
C ARG A 330 8.58 10.86 -12.41
N ARG A 331 8.43 10.79 -13.74
CA ARG A 331 9.57 10.98 -14.66
C ARG A 331 10.35 12.28 -14.45
N ASP A 332 9.68 13.36 -14.08
CA ASP A 332 10.38 14.66 -13.89
C ASP A 332 10.92 14.86 -12.45
N GLY A 333 10.84 13.81 -11.64
CA GLY A 333 11.32 13.85 -10.25
C GLY A 333 10.21 13.95 -9.23
N TRP A 334 8.99 14.11 -9.72
CA TRP A 334 7.82 14.34 -8.85
C TRP A 334 6.61 13.70 -9.50
N ASN A 335 5.75 13.03 -8.72
CA ASN A 335 4.60 12.35 -9.33
C ASN A 335 3.56 13.33 -9.84
N HIS A 336 3.34 13.29 -11.16
CA HIS A 336 2.45 14.25 -11.81
C HIS A 336 1.50 13.60 -12.79
N LEU A 337 0.48 14.35 -13.20
CA LEU A 337 -0.55 13.85 -14.11
C LEU A 337 -0.26 14.31 -15.54
N TYR A 338 -0.25 13.34 -16.46
CA TYR A 338 0.11 13.60 -17.86
C TYR A 338 -1.07 13.22 -18.76
N LEU A 339 -1.35 14.09 -19.75
CA LEU A 339 -2.47 13.88 -20.68
C LEU A 339 -1.95 13.34 -22.00
N TYR A 340 -2.39 12.14 -22.34
CA TYR A 340 -1.97 11.42 -23.53
C TYR A 340 -3.16 11.10 -24.44
N ASP A 341 -2.90 10.97 -25.75
CA ASP A 341 -3.86 10.28 -26.61
C ASP A 341 -3.39 8.84 -26.82
N THR A 342 -4.29 8.00 -27.35
CA THR A 342 -4.03 6.56 -27.47
C THR A 342 -3.04 6.15 -28.58
N THR A 343 -2.54 7.11 -29.36
CA THR A 343 -1.42 6.82 -30.23
C THR A 343 -0.12 6.86 -29.45
N GLY A 344 -0.17 7.43 -28.25
CA GLY A 344 1.00 7.58 -27.41
C GLY A 344 1.54 8.99 -27.42
N ARG A 345 0.88 9.90 -28.15
CA ARG A 345 1.37 11.29 -28.22
C ARG A 345 1.04 12.02 -26.89
N LEU A 346 2.04 12.64 -26.27
CA LEU A 346 1.80 13.39 -25.04
C LEU A 346 1.19 14.71 -25.42
N ILE A 347 0.00 14.99 -24.91
CA ILE A 347 -0.59 16.30 -25.16
C ILE A 347 0.10 17.35 -24.26
N ARG A 348 0.07 17.12 -22.95
CA ARG A 348 0.72 18.02 -22.03
C ARG A 348 0.88 17.37 -20.65
N GLN A 349 1.93 17.74 -19.94
CA GLN A 349 1.96 17.55 -18.49
C GLN A 349 0.92 18.46 -17.84
N VAL A 350 -0.06 17.88 -17.13
CA VAL A 350 -1.12 18.70 -16.57
C VAL A 350 -0.70 19.37 -15.24
N THR A 351 -0.22 18.57 -14.28
CA THR A 351 0.34 19.13 -13.02
C THR A 351 1.84 19.21 -13.11
N LYS A 352 2.43 20.24 -12.48
CA LYS A 352 3.88 20.32 -12.34
C LYS A 352 4.26 21.16 -11.13
N GLY A 353 5.46 20.92 -10.63
CA GLY A 353 5.93 21.58 -9.42
C GLY A 353 6.77 20.62 -8.58
N GLU A 354 7.45 21.17 -7.58
CA GLU A 354 8.30 20.38 -6.68
C GLU A 354 7.43 19.92 -5.53
N TRP A 355 6.44 19.12 -5.92
CA TRP A 355 5.50 18.47 -4.99
C TRP A 355 4.88 17.29 -5.75
N GLU A 356 4.13 16.42 -5.08
CA GLU A 356 3.65 15.18 -5.72
C GLU A 356 2.17 15.01 -5.58
N VAL A 357 1.54 14.51 -6.63
CA VAL A 357 0.16 14.10 -6.57
C VAL A 357 0.17 12.76 -5.82
N THR A 358 -0.69 12.65 -4.80
CA THR A 358 -0.70 11.51 -3.90
C THR A 358 -2.00 10.69 -4.04
N ASN A 359 -3.02 11.30 -4.66
CA ASN A 359 -4.23 10.56 -5.06
C ASN A 359 -4.94 11.25 -6.20
N PHE A 360 -5.16 10.55 -7.31
CA PHE A 360 -5.95 11.13 -8.40
C PHE A 360 -7.41 10.78 -8.21
N ALA A 361 -8.25 11.78 -7.95
CA ALA A 361 -9.65 11.49 -7.60
C ALA A 361 -10.61 11.51 -8.79
N GLY A 362 -10.28 12.22 -9.86
CA GLY A 362 -11.12 12.14 -11.04
C GLY A 362 -11.32 13.47 -11.74
N PHE A 363 -12.45 13.59 -12.44
CA PHE A 363 -12.75 14.73 -13.33
C PHE A 363 -14.09 15.38 -12.98
N ASP A 364 -14.29 16.60 -13.49
CA ASP A 364 -15.64 17.18 -13.60
C ASP A 364 -16.39 16.39 -14.69
N PRO A 365 -17.75 16.44 -14.71
CA PRO A 365 -18.44 15.62 -15.72
C PRO A 365 -17.95 15.89 -17.15
N LYS A 366 -17.53 17.11 -17.44
CA LYS A 366 -17.12 17.49 -18.80
C LYS A 366 -15.69 17.07 -19.16
N GLY A 367 -14.91 16.66 -18.16
CA GLY A 367 -13.50 16.36 -18.36
C GLY A 367 -12.65 17.56 -18.70
N THR A 368 -12.99 18.72 -18.13
CA THR A 368 -12.19 19.94 -18.34
C THR A 368 -11.34 20.30 -17.13
N ARG A 369 -11.59 19.58 -16.02
CA ARG A 369 -10.84 19.76 -14.77
C ARG A 369 -10.39 18.41 -14.19
N LEU A 370 -9.27 18.44 -13.45
CA LEU A 370 -8.81 17.26 -12.70
C LEU A 370 -8.90 17.57 -11.21
N TYR A 371 -9.34 16.58 -10.42
CA TYR A 371 -9.32 16.67 -8.95
C TYR A 371 -8.33 15.68 -8.35
N PHE A 372 -7.59 16.10 -7.33
CA PHE A 372 -6.52 15.26 -6.77
C PHE A 372 -5.98 15.76 -5.43
N GLU A 373 -5.40 14.84 -4.68
CA GLU A 373 -4.70 15.11 -3.42
C GLU A 373 -3.24 15.31 -3.73
N SER A 374 -2.59 16.26 -3.05
CA SER A 374 -1.17 16.43 -3.23
C SER A 374 -0.46 17.04 -2.04
N THR A 375 0.88 17.09 -2.15
CA THR A 375 1.76 17.64 -1.12
C THR A 375 2.12 19.13 -1.39
N GLU A 376 1.41 19.74 -2.33
CA GLU A 376 1.75 21.11 -2.74
C GLU A 376 1.88 22.09 -1.54
N ALA A 377 0.93 22.04 -0.61
CA ALA A 377 0.97 22.89 0.59
C ALA A 377 2.20 22.62 1.46
N SER A 378 2.55 21.32 1.58
CA SER A 378 3.66 20.88 2.41
C SER A 378 3.73 19.34 2.31
N PRO A 379 4.93 18.76 2.28
CA PRO A 379 5.03 17.28 2.31
C PRO A 379 4.46 16.67 3.62
N LEU A 380 4.26 17.51 4.64
CA LEU A 380 3.70 17.06 5.93
C LEU A 380 2.18 17.11 5.92
N GLU A 381 1.62 17.58 4.81
CA GLU A 381 0.19 17.84 4.75
C GLU A 381 -0.38 17.18 3.52
N ARG A 382 -1.70 17.03 3.46
CA ARG A 382 -2.39 16.61 2.24
C ARG A 382 -3.60 17.48 2.02
N HIS A 383 -3.65 18.15 0.88
CA HIS A 383 -4.81 18.96 0.52
C HIS A 383 -5.38 18.43 -0.78
N PHE A 384 -6.63 18.81 -1.05
CA PHE A 384 -7.36 18.40 -2.25
C PHE A 384 -7.49 19.60 -3.19
N TYR A 385 -7.15 19.37 -4.46
CA TYR A 385 -7.06 20.45 -5.44
C TYR A 385 -7.87 20.25 -6.74
N CYS A 386 -8.10 21.36 -7.43
CA CYS A 386 -8.67 21.40 -8.77
C CYS A 386 -7.62 22.02 -9.67
N ILE A 387 -7.49 21.49 -10.88
CA ILE A 387 -6.67 22.11 -11.87
C ILE A 387 -7.35 21.97 -13.24
N ASP A 388 -7.23 23.01 -14.05
CA ASP A 388 -7.72 22.97 -15.42
C ASP A 388 -6.96 21.88 -16.15
N ILE A 389 -7.64 21.14 -17.02
CA ILE A 389 -6.98 20.14 -17.90
C ILE A 389 -5.91 20.79 -18.79
N LYS A 390 -6.06 22.08 -19.09
CA LYS A 390 -5.01 22.81 -19.81
C LYS A 390 -3.79 23.09 -18.94
N GLY A 391 -3.90 22.80 -17.64
CA GLY A 391 -2.79 23.01 -16.69
C GLY A 391 -2.87 24.38 -16.02
N GLY A 392 -1.72 24.87 -15.55
CA GLY A 392 -1.64 26.15 -14.89
C GLY A 392 -1.86 26.03 -13.38
N LYS A 393 -2.66 26.95 -12.84
CA LYS A 393 -2.71 27.14 -11.41
C LYS A 393 -3.65 26.16 -10.72
N THR A 394 -3.16 25.55 -9.65
CA THR A 394 -4.01 24.68 -8.85
C THR A 394 -4.87 25.54 -7.95
N LYS A 395 -6.04 25.05 -7.59
CA LYS A 395 -6.84 25.66 -6.56
C LYS A 395 -7.04 24.68 -5.42
N ASP A 396 -6.61 25.09 -4.23
CA ASP A 396 -6.72 24.29 -3.04
C ASP A 396 -8.14 24.37 -2.50
N LEU A 397 -8.85 23.24 -2.52
CA LEU A 397 -10.23 23.17 -2.05
C LEU A 397 -10.37 22.86 -0.56
N THR A 398 -9.24 22.57 0.12
CA THR A 398 -9.23 22.22 1.54
C THR A 398 -8.03 22.94 2.22
N PRO A 399 -8.10 24.29 2.29
CA PRO A 399 -6.94 25.13 2.67
C PRO A 399 -6.38 24.97 4.09
N GLU A 400 -7.15 24.44 5.05
CA GLU A 400 -6.66 24.38 6.44
C GLU A 400 -5.45 23.45 6.60
N SER A 401 -4.46 23.92 7.37
CA SER A 401 -3.16 23.26 7.54
C SER A 401 -3.24 21.91 8.29
N GLY A 402 -2.97 20.81 7.58
CA GLY A 402 -2.96 19.49 8.20
C GLY A 402 -3.31 18.41 7.18
N MET A 403 -3.99 17.36 7.63
CA MET A 403 -4.21 16.18 6.80
C MET A 403 -5.64 16.11 6.40
N HIS A 404 -5.90 16.25 5.10
CA HIS A 404 -7.26 16.11 4.55
C HIS A 404 -7.36 14.84 3.74
N ARG A 405 -8.42 14.08 4.00
CA ARG A 405 -8.79 12.91 3.22
C ARG A 405 -10.15 13.16 2.61
N THR A 406 -10.19 13.24 1.29
CA THR A 406 -11.34 13.81 0.58
C THR A 406 -11.93 12.87 -0.46
N GLN A 407 -13.27 12.85 -0.53
CA GLN A 407 -14.02 12.02 -1.48
C GLN A 407 -14.85 12.89 -2.42
N LEU A 408 -14.52 12.84 -3.70
CA LEU A 408 -15.27 13.58 -4.72
C LEU A 408 -16.57 12.83 -5.04
N SER A 409 -17.68 13.56 -5.15
CA SER A 409 -18.99 12.93 -5.40
C SER A 409 -19.03 12.29 -6.79
N PRO A 410 -19.86 11.26 -6.97
CA PRO A 410 -20.04 10.67 -8.31
C PRO A 410 -20.21 11.69 -9.44
N ASP A 411 -21.00 12.74 -9.21
CA ASP A 411 -21.26 13.73 -10.24
C ASP A 411 -20.18 14.80 -10.31
N GLY A 412 -19.16 14.69 -9.46
CA GLY A 412 -18.03 15.62 -9.44
C GLY A 412 -18.34 17.03 -8.95
N SER A 413 -19.52 17.22 -8.35
CA SER A 413 -19.98 18.54 -7.96
C SER A 413 -19.62 18.91 -6.53
N ALA A 414 -19.38 17.90 -5.69
CA ALA A 414 -19.17 18.10 -4.26
C ALA A 414 -18.11 17.15 -3.67
N ILE A 415 -17.67 17.46 -2.45
CA ILE A 415 -16.67 16.64 -1.74
C ILE A 415 -17.07 16.43 -0.30
N ILE A 416 -16.81 15.21 0.20
CA ILE A 416 -16.74 14.93 1.63
C ILE A 416 -15.27 15.10 2.02
N ASP A 417 -15.01 15.88 3.07
CA ASP A 417 -13.66 16.03 3.57
C ASP A 417 -13.55 15.60 5.03
N ILE A 418 -12.52 14.82 5.33
CA ILE A 418 -12.19 14.44 6.70
C ILE A 418 -10.82 14.98 7.07
N PHE A 419 -10.78 15.83 8.09
CA PHE A 419 -9.60 16.60 8.42
C PHE A 419 -9.12 16.29 9.83
N GLN A 420 -7.81 16.28 10.01
CA GLN A 420 -7.23 16.17 11.32
C GLN A 420 -5.93 16.94 11.29
N SER A 421 -5.49 17.39 12.46
CA SER A 421 -4.26 18.14 12.62
C SER A 421 -3.83 17.94 14.08
N PRO A 422 -2.62 18.42 14.44
CA PRO A 422 -2.17 18.27 15.83
C PRO A 422 -3.14 18.91 16.87
N THR A 423 -3.86 19.95 16.45
CA THR A 423 -4.83 20.65 17.32
C THR A 423 -6.27 20.20 17.09
N VAL A 424 -6.54 19.57 15.93
CA VAL A 424 -7.89 19.14 15.55
C VAL A 424 -8.00 17.62 15.36
N PRO A 425 -8.68 16.93 16.29
CA PRO A 425 -8.76 15.48 16.22
C PRO A 425 -9.53 14.96 15.02
N ARG A 426 -10.58 15.67 14.61
CA ARG A 426 -11.47 15.24 13.54
C ARG A 426 -12.44 16.35 13.17
N LYS A 427 -12.39 16.77 11.91
CA LYS A 427 -13.37 17.71 11.39
C LYS A 427 -13.89 17.19 10.05
N VAL A 428 -15.19 16.92 10.00
CA VAL A 428 -15.83 16.35 8.83
C VAL A 428 -16.70 17.40 8.14
N THR A 429 -16.36 17.72 6.91
CA THR A 429 -17.05 18.73 6.14
C THR A 429 -17.68 18.11 4.87
N VAL A 430 -18.70 18.78 4.34
CA VAL A 430 -19.29 18.44 3.05
C VAL A 430 -19.50 19.74 2.28
N THR A 431 -18.87 19.85 1.12
CA THR A 431 -18.83 21.11 0.39
C THR A 431 -19.33 20.98 -1.05
N ASN A 432 -20.24 21.87 -1.45
CA ASN A 432 -20.53 22.07 -2.86
C ASN A 432 -19.44 22.93 -3.49
N ILE A 433 -18.60 22.30 -4.32
CA ILE A 433 -17.48 22.98 -4.96
C ILE A 433 -17.95 24.28 -5.61
N GLY A 434 -17.29 25.38 -5.24
CA GLY A 434 -17.66 26.72 -5.71
C GLY A 434 -19.04 27.08 -5.20
N LYS A 435 -19.21 26.96 -3.89
CA LYS A 435 -20.46 27.26 -3.19
C LYS A 435 -20.21 27.04 -1.71
N GLY A 436 -21.28 26.87 -0.94
CA GLY A 436 -21.18 26.78 0.52
C GLY A 436 -20.61 25.48 1.06
N SER A 437 -19.94 25.59 2.21
CA SER A 437 -19.45 24.44 2.96
C SER A 437 -20.27 24.23 4.24
N HIS A 438 -20.36 22.98 4.68
CA HIS A 438 -21.16 22.59 5.85
C HIS A 438 -20.42 21.57 6.73
N THR A 439 -20.21 21.94 8.00
CA THR A 439 -19.56 21.07 8.97
C THR A 439 -20.55 20.04 9.51
N LEU A 440 -20.15 18.78 9.47
CA LEU A 440 -21.01 17.66 9.86
C LEU A 440 -20.65 17.17 11.26
N LEU A 441 -19.37 17.22 11.59
CA LEU A 441 -18.85 16.77 12.88
C LEU A 441 -17.55 17.50 13.19
N GLU A 442 -17.32 17.81 14.46
CA GLU A 442 -16.03 18.34 14.91
C GLU A 442 -15.69 17.84 16.31
N ALA A 443 -14.53 17.20 16.43
CA ALA A 443 -14.02 16.72 17.72
C ALA A 443 -13.09 17.74 18.37
N LYS A 444 -12.89 17.61 19.68
CA LYS A 444 -12.09 18.58 20.45
C LYS A 444 -11.08 17.90 21.39
N ALA A 451 -3.66 13.72 31.68
CA ALA A 451 -2.31 13.89 31.17
C ALA A 451 -1.95 12.86 30.08
N MET A 452 -1.47 13.38 28.95
CA MET A 452 -0.95 12.60 27.82
C MET A 452 0.49 13.03 27.53
N PRO A 453 1.27 12.18 26.85
CA PRO A 453 2.62 12.62 26.47
C PRO A 453 2.57 13.81 25.50
N GLU A 454 3.43 14.78 25.70
CA GLU A 454 3.57 15.91 24.77
C GLU A 454 4.30 15.44 23.51
N ILE A 455 3.82 15.90 22.35
CA ILE A 455 4.43 15.57 21.07
C ILE A 455 5.09 16.84 20.50
N ARG A 456 6.41 16.78 20.30
CA ARG A 456 7.12 17.89 19.71
C ARG A 456 7.47 17.53 18.28
N THR A 457 7.52 18.53 17.41
CA THR A 457 7.88 18.32 16.00
C THR A 457 8.90 19.39 15.56
N GLY A 458 9.72 19.06 14.58
CA GLY A 458 10.63 20.06 14.02
C GLY A 458 11.40 19.52 12.83
N THR A 459 12.50 20.21 12.51
CA THR A 459 13.34 19.87 11.36
C THR A 459 14.77 19.80 11.79
N ILE A 460 15.50 18.86 11.20
CA ILE A 460 16.95 18.82 11.31
C ILE A 460 17.51 18.71 9.91
N MET A 461 18.80 18.99 9.75
CA MET A 461 19.47 18.75 8.49
C MET A 461 19.90 17.30 8.38
N ALA A 462 19.68 16.71 7.20
CA ALA A 462 20.22 15.41 6.85
C ALA A 462 21.74 15.44 6.84
N ALA A 463 22.36 14.27 6.61
CA ALA A 463 23.81 14.16 6.66
C ALA A 463 24.51 14.93 5.54
N ASP A 464 23.76 15.31 4.51
CA ASP A 464 24.36 16.12 3.42
C ASP A 464 24.55 17.57 3.87
N GLY A 465 23.92 17.90 5.00
CA GLY A 465 23.96 19.25 5.56
C GLY A 465 23.06 20.23 4.83
N GLN A 466 22.23 19.71 3.93
CA GLN A 466 21.39 20.55 3.05
C GLN A 466 19.91 20.20 3.05
N THR A 467 19.59 18.91 3.10
CA THR A 467 18.20 18.46 3.00
C THR A 467 17.50 18.46 4.34
N PRO A 468 16.36 19.16 4.43
CA PRO A 468 15.62 19.19 5.69
C PRO A 468 14.91 17.86 5.95
N LEU A 469 15.04 17.36 7.16
CA LEU A 469 14.30 16.17 7.61
C LEU A 469 13.32 16.57 8.71
N TYR A 470 12.13 15.95 8.73
CA TYR A 470 11.08 16.30 9.70
C TYR A 470 10.98 15.18 10.73
N TYR A 471 10.87 15.57 11.98
CA TYR A 471 10.88 14.61 13.07
C TYR A 471 9.66 14.83 13.97
N LYS A 472 9.34 13.78 14.73
CA LYS A 472 8.33 13.87 15.78
C LYS A 472 8.97 13.23 17.01
N LEU A 473 8.63 13.77 18.17
CA LEU A 473 9.26 13.37 19.42
C LEU A 473 8.15 13.27 20.42
N THR A 474 7.89 12.06 20.91
CA THR A 474 6.90 11.84 21.94
C THR A 474 7.62 11.89 23.29
N MET A 475 7.25 12.87 24.13
CA MET A 475 7.97 13.12 25.36
C MET A 475 7.51 12.16 26.47
N PRO A 476 8.37 11.89 27.46
CA PRO A 476 7.93 11.09 28.62
C PRO A 476 6.65 11.64 29.26
N LEU A 477 5.78 10.74 29.72
CA LEU A 477 4.61 11.18 30.46
C LEU A 477 5.09 11.99 31.67
N HIS A 478 4.48 13.14 31.92
CA HIS A 478 4.88 14.01 33.05
C HIS A 478 6.34 14.43 33.00
N PHE A 479 6.84 14.68 31.78
CA PHE A 479 8.21 15.09 31.55
C PHE A 479 8.66 16.24 32.47
N ASP A 480 9.85 16.10 33.05
CA ASP A 480 10.48 17.12 33.89
C ASP A 480 11.81 17.54 33.29
N PRO A 481 11.92 18.81 32.84
CA PRO A 481 13.14 19.32 32.18
C PRO A 481 14.40 19.22 33.02
N ALA A 482 14.26 19.10 34.34
CA ALA A 482 15.43 18.94 35.23
C ALA A 482 15.98 17.52 35.22
N LYS A 483 15.21 16.58 34.67
CA LYS A 483 15.56 15.16 34.71
C LYS A 483 16.16 14.65 33.40
N LYS A 484 16.86 13.51 33.48
CA LYS A 484 17.46 12.86 32.33
C LYS A 484 16.63 11.63 32.01
N TYR A 485 16.38 11.38 30.73
CA TYR A 485 15.49 10.31 30.32
C TYR A 485 16.10 9.42 29.26
N PRO A 486 15.73 8.12 29.27
CA PRO A 486 16.15 7.28 28.15
C PRO A 486 15.28 7.64 26.94
N VAL A 487 15.74 7.30 25.74
CA VAL A 487 15.00 7.64 24.52
C VAL A 487 15.16 6.47 23.52
N ILE A 488 14.11 6.20 22.78
CA ILE A 488 14.14 5.11 21.77
C ILE A 488 13.87 5.75 20.42
N VAL A 489 14.74 5.49 19.46
CA VAL A 489 14.48 5.92 18.10
C VAL A 489 13.56 4.85 17.47
N TYR A 490 12.34 5.24 17.10
CA TYR A 490 11.47 4.35 16.36
C TYR A 490 11.77 4.65 14.88
N VAL A 491 12.26 3.65 14.16
CA VAL A 491 12.75 3.85 12.79
C VAL A 491 11.96 2.96 11.82
N TYR A 492 11.65 3.49 10.63
CA TYR A 492 11.25 2.66 9.49
C TYR A 492 12.30 2.93 8.41
N GLY A 493 12.18 4.05 7.69
CA GLY A 493 13.29 4.52 6.84
C GLY A 493 13.29 3.97 5.41
N GLY A 494 12.33 3.11 5.09
CA GLY A 494 12.30 2.47 3.78
C GLY A 494 11.42 3.22 2.82
N PRO A 495 11.54 2.90 1.52
CA PRO A 495 10.72 3.57 0.52
C PRO A 495 9.24 3.34 0.66
N HIS A 496 8.47 4.26 0.09
CA HIS A 496 7.01 4.23 0.13
C HIS A 496 6.37 4.52 1.50
N ALA A 497 7.14 4.92 2.51
CA ALA A 497 6.52 5.27 3.76
C ALA A 497 7.00 6.63 4.24
N GLN A 498 6.15 7.32 4.98
CA GLN A 498 6.47 8.63 5.53
C GLN A 498 5.79 8.65 6.88
N LEU A 499 6.58 8.64 7.97
CA LEU A 499 6.02 8.47 9.31
C LEU A 499 5.68 9.77 10.02
N VAL A 500 6.17 10.89 9.50
CA VAL A 500 6.00 12.18 10.22
C VAL A 500 5.13 13.08 9.36
N THR A 501 3.86 13.22 9.75
CA THR A 501 2.97 14.13 9.04
C THR A 501 2.22 14.99 10.06
N LYS A 502 1.58 16.05 9.58
CA LYS A 502 0.94 17.01 10.46
C LYS A 502 -0.45 16.49 10.78
N THR A 503 -0.50 15.57 11.73
CA THR A 503 -1.71 14.80 11.98
C THR A 503 -2.07 14.90 13.48
N TRP A 504 -3.26 14.42 13.85
CA TRP A 504 -3.59 14.28 15.27
C TRP A 504 -2.78 13.14 15.94
N GLY A 509 0.83 3.03 15.65
CA GLY A 509 -0.34 2.54 16.37
C GLY A 509 -0.25 2.73 17.88
N GLY A 510 0.39 3.83 18.29
CA GLY A 510 0.41 4.25 19.69
C GLY A 510 1.38 3.50 20.60
N TRP A 511 2.35 2.80 20.04
CA TRP A 511 3.38 2.15 20.84
C TRP A 511 4.25 3.25 21.49
N ASP A 512 4.48 4.33 20.74
CA ASP A 512 5.22 5.49 21.25
C ASP A 512 4.60 6.05 22.52
N ILE A 513 3.27 6.17 22.55
CA ILE A 513 2.56 6.68 23.73
C ILE A 513 2.72 5.73 24.91
N TYR A 514 2.59 4.42 24.66
CA TYR A 514 2.83 3.41 25.69
C TYR A 514 4.26 3.51 26.28
N MET A 515 5.27 3.59 25.42
CA MET A 515 6.65 3.76 25.89
C MET A 515 6.80 5.02 26.68
N ALA A 516 6.19 6.10 26.19
CA ALA A 516 6.25 7.40 26.85
C ALA A 516 5.64 7.33 28.27
N GLN A 517 4.57 6.54 28.41
CA GLN A 517 3.92 6.33 29.69
C GLN A 517 4.79 5.56 30.66
N LYS A 518 5.78 4.82 30.12
CA LYS A 518 6.74 4.09 30.95
C LYS A 518 8.02 4.90 31.19
N GLY A 519 8.01 6.16 30.80
CA GLY A 519 9.14 7.07 31.05
C GLY A 519 10.22 7.16 29.99
N TYR A 520 9.88 6.77 28.75
CA TYR A 520 10.87 6.68 27.69
C TYR A 520 10.39 7.64 26.59
N ALA A 521 11.24 8.57 26.14
CA ALA A 521 10.96 9.41 24.98
C ALA A 521 11.05 8.55 23.71
N VAL A 522 10.23 8.85 22.70
CA VAL A 522 10.31 8.12 21.41
C VAL A 522 10.48 9.14 20.26
N PHE A 523 11.52 8.98 19.46
CA PHE A 523 11.88 9.94 18.41
C PHE A 523 11.81 9.24 17.07
N THR A 524 11.17 9.88 16.09
CA THR A 524 11.19 9.38 14.72
C THR A 524 11.53 10.50 13.75
N VAL A 525 12.35 10.19 12.75
CA VAL A 525 12.69 11.14 11.71
C VAL A 525 12.58 10.42 10.37
N ASP A 526 11.96 11.09 9.40
CA ASP A 526 11.88 10.57 8.02
C ASP A 526 13.18 10.86 7.26
N SER A 527 14.09 9.90 7.26
CA SER A 527 15.38 10.01 6.63
C SER A 527 15.24 9.93 5.11
N ARG A 528 16.30 10.30 4.39
CA ARG A 528 16.23 10.23 2.94
C ARG A 528 16.03 8.74 2.55
N GLY A 529 15.34 8.52 1.43
CA GLY A 529 14.80 7.17 1.09
C GLY A 529 13.30 7.14 1.28
N SER A 530 12.79 7.92 2.25
CA SER A 530 11.37 7.94 2.59
C SER A 530 10.54 8.74 1.56
N ALA A 531 9.22 8.72 1.72
CA ALA A 531 8.29 9.05 0.64
C ALA A 531 7.77 10.48 0.60
N ASN A 532 7.16 10.82 -0.53
CA ASN A 532 6.41 12.07 -0.72
C ASN A 532 7.29 13.33 -0.67
N ARG A 533 8.55 13.14 -1.03
CA ARG A 533 9.54 14.22 -1.04
C ARG A 533 10.25 14.29 -2.38
N GLY A 534 9.68 13.61 -3.37
CA GLY A 534 10.30 13.56 -4.70
C GLY A 534 11.29 12.45 -4.87
N ALA A 535 11.61 12.14 -6.12
CA ALA A 535 12.45 11.04 -6.50
C ALA A 535 13.90 11.22 -6.04
N ALA A 536 14.45 12.44 -6.15
CA ALA A 536 15.85 12.64 -5.75
C ALA A 536 16.09 12.28 -4.27
N PHE A 537 15.16 12.70 -3.43
CA PHE A 537 15.22 12.50 -1.99
C PHE A 537 15.16 10.98 -1.68
N GLU A 538 14.40 10.24 -2.48
CA GLU A 538 14.25 8.78 -2.32
C GLU A 538 15.42 8.02 -2.95
N GLN A 539 15.79 8.36 -4.19
CA GLN A 539 16.69 7.54 -4.98
C GLN A 539 18.15 7.57 -4.57
N VAL A 540 18.48 8.45 -3.62
CA VAL A 540 19.84 8.44 -3.06
C VAL A 540 20.21 7.04 -2.51
N ILE A 541 19.20 6.27 -2.10
CA ILE A 541 19.46 4.93 -1.55
C ILE A 541 19.81 3.87 -2.57
N HIS A 542 19.57 4.17 -3.84
CA HIS A 542 19.74 3.19 -4.90
C HIS A 542 21.11 2.50 -4.88
N ARG A 543 21.11 1.15 -4.90
CA ARG A 543 22.32 0.31 -4.82
C ARG A 543 23.05 0.34 -3.45
N ARG A 544 22.50 1.02 -2.45
CA ARG A 544 23.24 1.27 -1.20
C ARG A 544 22.34 1.24 0.03
N LEU A 545 21.43 0.25 0.09
CA LEU A 545 20.42 0.21 1.17
C LEU A 545 21.05 0.27 2.56
N GLY A 546 20.43 1.05 3.44
CA GLY A 546 20.95 1.28 4.80
C GLY A 546 21.95 2.43 4.94
N GLN A 547 22.76 2.71 3.92
CA GLN A 547 23.89 3.67 4.11
C GLN A 547 23.46 5.11 4.42
N THR A 548 22.75 5.74 3.50
CA THR A 548 22.23 7.09 3.75
C THR A 548 21.21 7.11 4.85
N GLU A 549 20.34 6.11 4.87
CA GLU A 549 19.29 6.05 5.88
C GLU A 549 19.92 6.12 7.28
N MET A 550 20.96 5.34 7.52
CA MET A 550 21.61 5.32 8.84
C MET A 550 22.33 6.64 9.13
N ALA A 551 22.99 7.19 8.11
CA ALA A 551 23.64 8.51 8.24
C ALA A 551 22.64 9.56 8.68
N ASP A 552 21.45 9.59 8.06
CA ASP A 552 20.40 10.51 8.50
C ASP A 552 19.82 10.22 9.88
N GLN A 553 19.64 8.93 10.19
CA GLN A 553 19.22 8.56 11.55
C GLN A 553 20.26 9.03 12.59
N MET A 554 21.54 9.01 12.24
CA MET A 554 22.56 9.48 13.19
C MET A 554 22.52 11.01 13.39
N CYS A 555 22.02 11.75 12.40
CA CYS A 555 21.72 13.16 12.58
C CYS A 555 20.60 13.34 13.60
N GLY A 556 19.61 12.41 13.59
CA GLY A 556 18.58 12.39 14.62
C GLY A 556 19.20 12.18 16.01
N VAL A 557 20.14 11.25 16.10
CA VAL A 557 20.85 11.00 17.37
C VAL A 557 21.66 12.25 17.82
N ASP A 558 22.37 12.87 16.89
CA ASP A 558 23.07 14.15 17.15
C ASP A 558 22.11 15.17 17.76
N PHE A 559 20.91 15.33 17.18
CA PHE A 559 19.89 16.22 17.72
C PHE A 559 19.47 15.80 19.13
N LEU A 560 19.24 14.50 19.33
CA LEU A 560 18.84 14.05 20.66
C LEU A 560 19.92 14.37 21.70
N LYS A 561 21.17 14.10 21.36
CA LYS A 561 22.27 14.36 22.28
C LYS A 561 22.47 15.85 22.60
N SER A 562 21.99 16.71 21.72
CA SER A 562 22.00 18.15 21.97
C SER A 562 20.91 18.58 22.99
N GLN A 563 19.99 17.68 23.35
CA GLN A 563 18.97 17.99 24.36
C GLN A 563 19.51 17.68 25.75
N SER A 564 19.45 18.64 26.67
CA SER A 564 19.99 18.43 28.02
C SER A 564 19.24 17.32 28.77
N TRP A 565 17.95 17.15 28.51
CA TRP A 565 17.12 16.15 29.20
C TRP A 565 17.31 14.69 28.70
N VAL A 566 18.07 14.51 27.63
CA VAL A 566 18.38 13.16 27.09
C VAL A 566 19.56 12.50 27.78
N ASP A 567 19.35 11.27 28.25
CA ASP A 567 20.44 10.48 28.76
C ASP A 567 21.12 9.80 27.57
N ALA A 568 22.26 10.37 27.15
CA ALA A 568 22.99 9.88 25.99
C ALA A 568 23.48 8.44 26.13
N ASP A 569 23.53 7.92 27.35
CA ASP A 569 23.98 6.54 27.55
C ASP A 569 22.81 5.56 27.56
N ARG A 570 21.59 6.05 27.38
CA ARG A 570 20.40 5.17 27.35
C ARG A 570 19.56 5.41 26.10
N ILE A 571 20.19 5.25 24.92
CA ILE A 571 19.47 5.41 23.67
C ILE A 571 19.19 3.99 23.11
N GLY A 572 17.94 3.74 22.74
CA GLY A 572 17.55 2.45 22.13
C GLY A 572 16.96 2.66 20.72
N VAL A 573 16.56 1.58 20.06
CA VAL A 573 16.00 1.68 18.70
C VAL A 573 15.00 0.53 18.46
N HIS A 574 13.90 0.82 17.78
CA HIS A 574 12.91 -0.21 17.45
C HIS A 574 12.32 0.06 16.08
N GLY A 575 12.03 -1.02 15.34
CA GLY A 575 11.31 -0.84 14.07
C GLY A 575 10.90 -2.20 13.56
N TRP A 576 10.05 -2.19 12.52
CA TRP A 576 9.51 -3.45 11.95
C TRP A 576 9.78 -3.48 10.46
N SER A 577 10.15 -4.64 9.95
CA SER A 577 10.30 -4.86 8.52
C SER A 577 11.55 -4.13 7.98
N TYR A 578 11.41 -3.16 7.08
CA TYR A 578 12.58 -2.30 6.73
C TYR A 578 13.12 -1.66 8.02
N GLY A 579 12.20 -1.34 8.94
CA GLY A 579 12.60 -0.78 10.24
C GLY A 579 13.34 -1.79 11.11
N GLY A 580 13.07 -3.08 10.87
CA GLY A 580 13.78 -4.17 11.58
C GLY A 580 15.18 -4.35 11.03
N PHE A 581 15.30 -4.24 9.71
CA PHE A 581 16.62 -4.16 9.07
C PHE A 581 17.40 -2.94 9.64
N MET A 582 16.74 -1.79 9.67
CA MET A 582 17.42 -0.57 10.15
C MET A 582 17.83 -0.68 11.63
N THR A 583 16.93 -1.21 12.46
CA THR A 583 17.23 -1.40 13.89
C THR A 583 18.52 -2.24 14.05
N THR A 584 18.54 -3.39 13.38
CA THR A 584 19.67 -4.32 13.47
C THR A 584 20.95 -3.68 12.93
N ASN A 585 20.83 -3.05 11.77
CA ASN A 585 21.96 -2.38 11.14
C ASN A 585 22.53 -1.24 12.01
N LEU A 586 21.65 -0.47 12.64
CA LEU A 586 22.08 0.59 13.55
C LEU A 586 22.79 0.05 14.78
N MET A 587 22.29 -1.05 15.35
CA MET A 587 23.01 -1.67 16.47
C MET A 587 24.39 -2.20 16.12
N LEU A 588 24.50 -2.82 14.95
CA LEU A 588 25.79 -3.36 14.51
C LEU A 588 26.75 -2.27 14.07
N THR A 589 26.22 -1.24 13.44
CA THR A 589 27.05 -0.18 12.87
C THR A 589 27.44 0.86 13.93
N HIS A 590 26.51 1.15 14.83
CA HIS A 590 26.67 2.19 15.85
C HIS A 590 26.44 1.62 17.25
N GLY A 591 27.18 0.54 17.53
CA GLY A 591 27.07 -0.25 18.75
C GLY A 591 27.37 0.49 20.04
N ASP A 592 28.14 1.59 19.93
CA ASP A 592 28.45 2.46 21.08
C ASP A 592 27.26 3.34 21.44
N VAL A 593 26.38 3.60 20.46
CA VAL A 593 25.24 4.47 20.70
C VAL A 593 23.97 3.73 21.14
N PHE A 594 23.61 2.70 20.39
CA PHE A 594 22.36 1.97 20.56
C PHE A 594 22.62 0.79 21.49
N LYS A 595 22.14 0.96 22.71
CA LYS A 595 22.34 0.03 23.80
C LYS A 595 21.40 -1.15 23.71
N VAL A 596 20.16 -0.89 23.27
CA VAL A 596 19.08 -1.88 23.27
C VAL A 596 18.22 -1.65 22.03
N GLY A 597 17.84 -2.75 21.37
CA GLY A 597 16.86 -2.62 20.29
C GLY A 597 15.93 -3.81 20.19
N VAL A 598 14.82 -3.62 19.47
CA VAL A 598 13.93 -4.74 19.15
C VAL A 598 13.61 -4.61 17.66
N ALA A 599 13.87 -5.69 16.92
CA ALA A 599 13.69 -5.64 15.46
C ALA A 599 12.68 -6.72 15.04
N GLY A 600 11.51 -6.30 14.56
CA GLY A 600 10.48 -7.24 14.16
C GLY A 600 10.47 -7.47 12.66
N GLY A 601 10.09 -8.69 12.27
CA GLY A 601 10.12 -9.15 10.87
C GLY A 601 11.26 -8.55 10.05
N PRO A 602 12.51 -8.60 10.56
CA PRO A 602 13.57 -7.84 9.90
C PRO A 602 14.16 -8.45 8.62
N VAL A 603 14.40 -7.60 7.61
CA VAL A 603 15.24 -8.04 6.50
C VAL A 603 16.68 -8.04 7.00
N ILE A 604 17.43 -9.11 6.74
CA ILE A 604 18.78 -9.27 7.27
C ILE A 604 19.75 -9.54 6.14
N ASP A 605 19.28 -10.30 5.14
CA ASP A 605 20.06 -10.57 3.92
C ASP A 605 19.21 -10.21 2.71
N TRP A 606 19.53 -9.09 2.00
CA TRP A 606 18.71 -8.64 0.89
C TRP A 606 18.70 -9.61 -0.30
N ASN A 607 19.68 -10.50 -0.39
CA ASN A 607 19.66 -11.56 -1.42
C ASN A 607 18.44 -12.46 -1.23
N ARG A 608 17.88 -12.47 -0.02
CA ARG A 608 16.71 -13.31 0.29
C ARG A 608 15.39 -12.54 0.30
N TYR A 609 15.41 -11.28 -0.17
CA TYR A 609 14.15 -10.53 -0.37
C TYR A 609 13.65 -10.72 -1.80
N ALA A 610 12.37 -10.43 -2.05
CA ALA A 610 11.73 -10.71 -3.33
C ALA A 610 12.34 -9.87 -4.45
N ILE A 611 12.44 -10.50 -5.61
CA ILE A 611 12.96 -9.87 -6.82
C ILE A 611 12.31 -8.50 -7.07
N MET A 612 10.99 -8.43 -7.05
CA MET A 612 10.33 -7.26 -7.66
C MET A 612 10.48 -5.98 -6.83
N TYR A 613 10.72 -6.14 -5.54
CA TYR A 613 11.02 -4.97 -4.69
C TYR A 613 12.53 -4.77 -4.57
N GLY A 614 13.25 -5.83 -4.18
CA GLY A 614 14.68 -5.71 -3.89
C GLY A 614 15.51 -5.17 -5.04
N GLU A 615 15.24 -5.65 -6.26
CA GLU A 615 16.06 -5.29 -7.42
C GLU A 615 15.79 -3.88 -7.92
N ARG A 616 14.63 -3.31 -7.56
CA ARG A 616 14.34 -1.92 -7.87
C ARG A 616 15.34 -1.04 -7.11
N TYR A 617 15.37 -1.17 -5.79
CA TYR A 617 16.20 -0.29 -4.94
C TYR A 617 17.67 -0.70 -4.87
N PHE A 618 17.97 -1.98 -5.05
CA PHE A 618 19.33 -2.50 -4.79
C PHE A 618 20.07 -2.96 -6.04
N ASP A 619 19.35 -3.02 -7.16
CA ASP A 619 19.76 -3.78 -8.36
C ASP A 619 19.87 -5.27 -8.00
N ALA A 620 20.34 -6.11 -8.93
CA ALA A 620 20.43 -7.54 -8.64
C ALA A 620 21.73 -7.86 -7.93
N PRO A 621 21.76 -8.95 -7.12
CA PRO A 621 22.95 -9.28 -6.33
C PRO A 621 24.22 -9.42 -7.22
N GLN A 622 24.06 -10.01 -8.41
CA GLN A 622 25.19 -10.17 -9.36
C GLN A 622 25.71 -8.82 -9.89
N GLU A 623 24.82 -7.84 -10.02
CA GLU A 623 25.17 -6.50 -10.49
C GLU A 623 25.75 -5.62 -9.37
N ASN A 624 25.53 -6.01 -8.12
CA ASN A 624 25.85 -5.11 -7.02
C ASN A 624 26.39 -5.86 -5.78
N PRO A 625 27.48 -6.63 -5.94
CA PRO A 625 27.94 -7.36 -4.76
C PRO A 625 28.39 -6.45 -3.62
N GLU A 626 29.00 -5.30 -3.93
CA GLU A 626 29.49 -4.41 -2.88
C GLU A 626 28.34 -3.87 -2.01
N GLY A 627 27.27 -3.42 -2.67
CA GLY A 627 26.14 -2.86 -1.98
C GLY A 627 25.43 -3.94 -1.13
N TYR A 628 25.14 -5.10 -1.74
CA TYR A 628 24.49 -6.21 -1.00
C TYR A 628 25.34 -6.64 0.20
N ASP A 629 26.65 -6.80 -0.03
CA ASP A 629 27.53 -7.23 1.05
C ASP A 629 27.54 -6.24 2.21
N ALA A 630 27.53 -4.94 1.91
CA ALA A 630 27.52 -3.92 2.96
C ALA A 630 26.25 -3.96 3.80
N ALA A 631 25.14 -4.39 3.20
CA ALA A 631 23.86 -4.45 3.89
C ALA A 631 23.53 -5.82 4.45
N ASN A 632 24.41 -6.80 4.21
CA ASN A 632 24.15 -8.17 4.64
C ASN A 632 24.52 -8.28 6.12
N LEU A 633 23.52 -8.20 6.97
CA LEU A 633 23.75 -8.16 8.42
C LEU A 633 24.29 -9.46 8.97
N LEU A 634 24.12 -10.55 8.20
CA LEU A 634 24.75 -11.83 8.61
C LEU A 634 26.26 -11.77 8.70
N LYS A 635 26.86 -10.93 7.87
CA LYS A 635 28.32 -10.75 7.83
C LYS A 635 28.87 -9.96 9.03
N ARG A 636 28.03 -9.23 9.73
CA ARG A 636 28.48 -8.35 10.82
C ARG A 636 27.83 -8.68 12.17
N ALA A 637 27.32 -9.91 12.29
CA ALA A 637 26.71 -10.38 13.55
C ALA A 637 27.68 -10.30 14.75
N GLY A 638 28.97 -10.46 14.50
CA GLY A 638 29.98 -10.29 15.58
C GLY A 638 30.10 -8.88 16.13
N ASP A 639 29.44 -7.91 15.48
CA ASP A 639 29.39 -6.55 16.01
C ASP A 639 28.27 -6.24 16.98
N LEU A 640 27.50 -7.25 17.37
CA LEU A 640 26.38 -7.04 18.27
C LEU A 640 26.96 -7.01 19.67
N LYS A 641 26.97 -5.85 20.28
CA LYS A 641 27.49 -5.78 21.66
C LYS A 641 26.43 -5.26 22.63
N GLY A 642 25.24 -4.93 22.16
CA GLY A 642 24.13 -4.60 23.06
C GLY A 642 23.07 -5.69 23.13
N ARG A 643 21.88 -5.33 23.59
CA ARG A 643 20.79 -6.27 23.77
C ARG A 643 19.82 -6.03 22.62
N LEU A 644 19.63 -7.05 21.79
CA LEU A 644 18.71 -6.94 20.67
C LEU A 644 17.78 -8.16 20.65
N MET A 645 16.49 -7.92 20.72
CA MET A 645 15.51 -8.97 20.50
C MET A 645 15.00 -8.88 19.07
N LEU A 646 15.06 -10.00 18.38
CA LEU A 646 14.41 -10.13 17.05
C LEU A 646 13.09 -10.83 17.26
N ILE A 647 12.07 -10.41 16.51
CA ILE A 647 10.75 -11.04 16.62
C ILE A 647 10.29 -11.37 15.20
N HIS A 648 9.66 -12.54 15.04
CA HIS A 648 9.19 -12.92 13.71
C HIS A 648 7.89 -13.66 13.82
N GLY A 649 6.98 -13.41 12.87
CA GLY A 649 5.86 -14.31 12.66
C GLY A 649 6.35 -15.54 11.85
N ALA A 650 6.11 -16.74 12.35
CA ALA A 650 6.72 -17.92 11.70
C ALA A 650 6.23 -18.10 10.28
N ILE A 651 5.00 -17.70 10.01
CA ILE A 651 4.44 -17.95 8.67
C ILE A 651 4.45 -16.71 7.77
N ASP A 652 5.34 -15.78 8.14
CA ASP A 652 5.60 -14.56 7.35
C ASP A 652 5.94 -14.86 5.87
N PRO A 653 5.06 -14.45 4.92
CA PRO A 653 5.34 -14.66 3.51
C PRO A 653 5.95 -13.41 2.84
N VAL A 654 6.27 -12.39 3.64
CA VAL A 654 6.86 -11.12 3.12
C VAL A 654 8.35 -11.08 3.41
N VAL A 655 8.71 -11.17 4.69
CA VAL A 655 10.11 -11.32 5.08
C VAL A 655 10.19 -12.72 5.66
N VAL A 656 10.75 -13.68 4.89
CA VAL A 656 10.65 -15.07 5.36
C VAL A 656 11.43 -15.27 6.67
N TRP A 657 10.93 -16.18 7.50
CA TRP A 657 11.41 -16.40 8.87
C TRP A 657 12.91 -16.67 8.88
N GLN A 658 13.37 -17.30 7.80
CA GLN A 658 14.81 -17.54 7.59
C GLN A 658 15.69 -16.34 7.90
N HIS A 659 15.23 -15.11 7.60
CA HIS A 659 16.10 -13.92 7.86
C HIS A 659 16.55 -13.87 9.34
N SER A 660 15.59 -13.97 10.26
CA SER A 660 15.95 -13.80 11.68
C SER A 660 16.61 -15.05 12.22
N LEU A 661 16.17 -16.21 11.74
CA LEU A 661 16.81 -17.46 12.16
C LEU A 661 18.27 -17.45 11.75
N LEU A 662 18.57 -17.08 10.50
CA LEU A 662 20.00 -17.03 10.10
C LEU A 662 20.79 -16.02 10.89
N PHE A 663 20.17 -14.92 11.30
CA PHE A 663 20.93 -13.97 12.11
C PHE A 663 21.28 -14.59 13.45
N LEU A 664 20.35 -15.29 14.09
CA LEU A 664 20.69 -15.96 15.33
C LEU A 664 21.79 -16.97 15.10
N ASP A 665 21.73 -17.69 13.98
CA ASP A 665 22.75 -18.68 13.65
C ASP A 665 24.11 -17.99 13.46
N ALA A 666 24.13 -16.83 12.78
CA ALA A 666 25.37 -16.06 12.59
C ALA A 666 25.95 -15.62 13.95
N CYS A 667 25.07 -15.22 14.86
CA CYS A 667 25.46 -14.75 16.18
C CYS A 667 26.06 -15.90 17.01
N VAL A 668 25.49 -17.10 16.89
CA VAL A 668 26.11 -18.30 17.50
C VAL A 668 27.57 -18.46 17.07
N LYS A 669 27.82 -18.50 15.75
CA LYS A 669 29.18 -18.62 15.24
C LYS A 669 30.08 -17.44 15.69
N ALA A 670 29.51 -16.24 15.68
CA ALA A 670 30.23 -15.00 16.06
C ALA A 670 30.41 -14.81 17.56
N ARG A 671 29.79 -15.68 18.36
CA ARG A 671 29.70 -15.56 19.80
C ARG A 671 29.12 -14.21 20.22
N THR A 672 27.96 -13.88 19.65
CA THR A 672 27.21 -12.73 20.16
C THR A 672 25.79 -13.20 20.54
N TYR A 673 25.05 -12.35 21.25
CA TYR A 673 23.95 -12.85 22.10
C TYR A 673 22.63 -12.07 21.97
N PRO A 674 21.92 -12.27 20.85
CA PRO A 674 20.62 -11.65 20.71
C PRO A 674 19.58 -12.42 21.51
N ASP A 675 18.39 -11.83 21.66
CA ASP A 675 17.21 -12.53 22.23
C ASP A 675 16.15 -12.71 21.12
N TYR A 676 15.05 -13.42 21.39
CA TYR A 676 14.17 -13.82 20.28
C TYR A 676 12.77 -14.03 20.78
N TYR A 677 11.80 -13.79 19.89
CA TYR A 677 10.45 -14.28 20.14
C TYR A 677 9.82 -14.66 18.80
N VAL A 678 9.01 -15.71 18.78
CA VAL A 678 8.37 -16.13 17.50
C VAL A 678 6.88 -16.21 17.76
N TYR A 679 6.08 -15.65 16.84
CA TYR A 679 4.64 -15.78 16.85
C TYR A 679 4.27 -16.85 15.80
N PRO A 680 4.10 -18.12 16.21
CA PRO A 680 3.92 -19.19 15.21
C PRO A 680 2.65 -19.07 14.35
N SER A 681 1.66 -18.31 14.83
CA SER A 681 0.40 -18.19 14.10
C SER A 681 0.33 -16.94 13.24
N HIS A 682 1.38 -16.10 13.29
CA HIS A 682 1.30 -14.81 12.59
C HIS A 682 2.16 -14.72 11.35
N GLU A 683 1.70 -13.91 10.39
CA GLU A 683 2.43 -13.66 9.16
C GLU A 683 3.35 -12.46 9.42
N HIS A 684 3.41 -11.48 8.51
CA HIS A 684 4.46 -10.46 8.65
C HIS A 684 4.27 -9.57 9.88
N ASN A 685 3.02 -9.15 10.14
CA ASN A 685 2.74 -8.32 11.29
C ASN A 685 1.83 -9.06 12.27
N VAL A 686 1.94 -8.74 13.55
CA VAL A 686 1.05 -9.34 14.54
C VAL A 686 -0.19 -8.46 14.57
N MET A 687 -1.32 -9.06 14.21
CA MET A 687 -2.61 -8.39 14.04
C MET A 687 -3.62 -8.80 15.10
N GLY A 688 -4.56 -7.90 15.45
CA GLY A 688 -5.65 -8.29 16.33
C GLY A 688 -5.28 -8.25 17.79
N PRO A 689 -6.07 -8.92 18.65
CA PRO A 689 -5.80 -8.94 20.09
C PRO A 689 -4.37 -9.33 20.48
N ASP A 690 -3.73 -10.22 19.70
CA ASP A 690 -2.34 -10.62 19.99
C ASP A 690 -1.37 -9.44 19.96
N ARG A 691 -1.77 -8.33 19.35
CA ARG A 691 -0.90 -7.17 19.31
C ARG A 691 -0.64 -6.61 20.73
N VAL A 692 -1.54 -6.88 21.66
CA VAL A 692 -1.31 -6.54 23.09
C VAL A 692 -0.10 -7.30 23.66
N HIS A 693 -0.03 -8.59 23.35
CA HIS A 693 1.10 -9.41 23.75
C HIS A 693 2.40 -8.89 23.12
N LEU A 694 2.33 -8.55 21.85
CA LEU A 694 3.49 -7.98 21.17
C LEU A 694 3.99 -6.71 21.86
N TYR A 695 3.09 -5.75 22.06
CA TYR A 695 3.49 -4.49 22.71
C TYR A 695 4.11 -4.77 24.10
N GLU A 696 3.52 -5.69 24.87
CA GLU A 696 4.07 -5.98 26.20
C GLU A 696 5.45 -6.62 26.15
N THR A 697 5.64 -7.55 25.22
CA THR A 697 6.96 -8.15 24.99
C THR A 697 8.01 -7.09 24.62
N ILE A 698 7.66 -6.23 23.67
CA ILE A 698 8.62 -5.19 23.22
C ILE A 698 8.92 -4.21 24.35
N THR A 699 7.85 -3.74 25.00
CA THR A 699 7.99 -2.73 26.06
C THR A 699 8.83 -3.25 27.22
N ARG A 700 8.58 -4.50 27.64
CA ARG A 700 9.30 -5.02 28.77
C ARG A 700 10.76 -5.26 28.46
N TYR A 701 11.08 -5.54 27.18
CA TYR A 701 12.48 -5.69 26.80
C TYR A 701 13.24 -4.38 27.04
N PHE A 702 12.63 -3.26 26.64
CA PHE A 702 13.20 -1.95 26.88
C PHE A 702 13.22 -1.60 28.36
N THR A 703 12.14 -1.88 29.10
CA THR A 703 12.16 -1.50 30.52
C THR A 703 13.15 -2.39 31.30
N ASP A 704 13.35 -3.65 30.88
CA ASP A 704 14.39 -4.50 31.50
C ASP A 704 15.81 -4.03 31.22
N HIS A 705 16.11 -3.67 29.97
CA HIS A 705 17.50 -3.53 29.54
C HIS A 705 18.01 -2.11 29.26
N LEU A 706 17.12 -1.19 28.89
CA LEU A 706 17.57 0.16 28.48
C LEU A 706 17.57 1.16 29.63
S SO4 B . -3.74 -8.32 -40.42
O1 SO4 B . -3.79 -9.46 -41.37
O2 SO4 B . -2.38 -8.27 -39.86
O3 SO4 B . -4.76 -8.49 -39.40
O4 SO4 B . -4.02 -7.07 -41.14
O2 AIO C . 6.26 -4.96 2.97
C9 AIO C . 7.13 -4.38 2.32
C4 AIO C . 6.71 -3.60 1.08
C5 AIO C . 5.83 -2.40 1.47
C7 AIO C . 5.42 -1.54 0.27
C8 AIO C . 6.59 -0.91 -0.46
C6 AIO C . 6.47 -1.48 2.51
N2 AIO C . 5.91 -4.47 0.21
C3 AIO C . 6.48 -5.42 -0.51
O1 AIO C . 7.65 -5.71 -0.40
C1 AIO C . 5.58 -6.21 -1.44
C2 AIO C . 4.95 -7.34 -0.61
N1 AIO C . 6.34 -6.80 -2.52
N3 AIO C . 8.39 -4.39 2.70
C13 AIO C . 9.56 -3.77 2.07
C12 AIO C . 10.73 -4.10 2.96
C11 AIO C . 10.29 -5.29 3.82
C10 AIO C . 8.76 -5.14 3.91
B AIO C . 8.26 -4.25 5.16
O4 AIO C . 6.80 -4.38 5.60
O3 AIO C . 8.87 -2.87 5.36
#